data_6XI9
#
_entry.id   6XI9
#
_cell.length_a   72.512
_cell.length_b   75.079
_cell.length_c   83.269
_cell.angle_alpha   90.000
_cell.angle_beta   107.130
_cell.angle_gamma   90.000
#
_symmetry.space_group_name_H-M   'P 1 21 1'
#
loop_
_entity.id
_entity.type
_entity.pdbx_description
1 polymer 'Aminodeoxyfutalosine synthase'
2 non-polymer 'IRON/SULFUR CLUSTER'
3 non-polymer METHIONINE
4 non-polymer 9-[7-(3-carboxyphenyl)-5,6-dideoxy-beta-D-ribo-heptodialdo-1,4-furanosyl]-9H-purin-6-amine
5 non-polymer 'CHLORIDE ION'
6 water water
#
_entity_poly.entity_id   1
_entity_poly.type   'polypeptide(L)'
_entity_poly.pdbx_seq_one_letter_code
;MHHHHHHSSGVDLGTENLYFQSMDTTSKLALILADADLPAALKAIALKVQNQERITFDEGVYLYENAELGYLGVLANYIR
EQKHGDNTYFNRNFHIEPTNVCVYDCKFCSYSRLIKQKEEGWEMSVDGMMEVLKKYDHEPVTEVHITGGVVPKQNLEFYS
DFFRRAKAHRPELHIKALTPVEYYYIFKKAKLSHYDGMKYMQEAGLDSMPGGGAEIFHPEVREKIAHDKCNAEQWLDIHE
QAHKLGMKTNATMLYGHIEQFWHRVDHMERLRRQQDKTGGFQAFIPLKFRNQHNQMDHVPEVSVIEDLRNYAIARIYMDN
FDHIKAYWAMISRQTAQLSLNFGVDDIDGTLDDTTKIYSMAGAEEQHPAMSTRDLVDLIKQVKRKPIERDTLYNVVTDYS
QVTFEDEVKPQYYKLPVIN
;
_entity_poly.pdbx_strand_id   A,B
#
loop_
_chem_comp.id
_chem_comp.type
_chem_comp.name
_chem_comp.formula
CL non-polymer 'CHLORIDE ION' 'Cl -1'
SF4 non-polymer 'IRON/SULFUR CLUSTER' 'Fe4 S4'
V47 non-polymer 9-[7-(3-carboxyphenyl)-5,6-dideoxy-beta-D-ribo-heptodialdo-1,4-furanosyl]-9H-purin-6-amine 'C19 H19 N5 O6'
#
# COMPACT_ATOMS: atom_id res chain seq x y z
N GLY A 14 33.11 19.01 34.31
CA GLY A 14 33.38 17.91 33.33
C GLY A 14 32.07 17.19 33.02
N THR A 15 30.96 17.92 32.92
CA THR A 15 29.62 17.39 32.52
C THR A 15 29.06 18.18 31.33
N GLU A 16 29.86 19.03 30.69
CA GLU A 16 29.44 19.87 29.53
C GLU A 16 28.98 18.92 28.41
N ASN A 17 29.79 17.91 28.07
CA ASN A 17 29.48 16.97 26.97
C ASN A 17 28.27 16.11 27.36
N LEU A 18 28.25 15.57 28.59
CA LEU A 18 27.12 14.77 29.10
C LEU A 18 25.82 15.58 29.04
N TYR A 19 25.85 16.86 29.41
CA TYR A 19 24.68 17.78 29.33
C TYR A 19 24.19 17.86 27.89
N PHE A 20 25.11 18.03 26.94
CA PHE A 20 24.78 18.21 25.51
C PHE A 20 24.07 16.95 25.01
N GLN A 21 24.66 15.77 25.27
CA GLN A 21 24.14 14.43 24.86
C GLN A 21 22.73 14.18 25.44
N SER A 22 22.41 14.81 26.57
CA SER A 22 21.16 14.58 27.33
C SER A 22 20.00 15.42 26.77
N MET A 23 20.26 16.37 25.86
CA MET A 23 19.28 17.39 25.42
C MET A 23 18.35 16.76 24.38
N ASP A 24 17.09 17.14 24.39
CA ASP A 24 16.16 16.74 23.32
C ASP A 24 16.63 17.40 22.02
N THR A 25 16.02 16.97 20.92
CA THR A 25 16.37 17.27 19.51
C THR A 25 16.31 18.78 19.25
N THR A 26 15.17 19.41 19.54
CA THR A 26 14.97 20.88 19.45
C THR A 26 16.05 21.61 20.26
N SER A 27 16.29 21.25 21.52
CA SER A 27 17.20 22.00 22.44
C SER A 27 18.65 21.81 22.00
N LYS A 28 19.02 20.65 21.46
CA LYS A 28 20.39 20.42 20.90
C LYS A 28 20.66 21.43 19.78
N LEU A 29 19.69 21.60 18.87
CA LEU A 29 19.77 22.57 17.76
C LEU A 29 19.92 24.00 18.34
N ALA A 30 19.10 24.36 19.33
CA ALA A 30 19.10 25.67 20.02
C ALA A 30 20.48 25.93 20.65
N LEU A 31 21.05 24.90 21.27
CA LEU A 31 22.32 25.02 22.05
C LEU A 31 23.45 25.33 21.06
N ILE A 32 23.50 24.59 19.96
CA ILE A 32 24.51 24.76 18.87
C ILE A 32 24.40 26.17 18.32
N LEU A 33 23.18 26.72 18.16
CA LEU A 33 22.99 28.09 17.62
C LEU A 33 23.52 29.16 18.60
N ALA A 34 23.55 28.87 19.91
CA ALA A 34 23.95 29.83 20.97
C ALA A 34 25.42 29.64 21.35
N ASP A 35 26.15 28.76 20.68
CA ASP A 35 27.58 28.52 20.96
C ASP A 35 28.40 29.59 20.25
N ALA A 36 29.11 30.43 21.02
CA ALA A 36 29.86 31.62 20.53
C ALA A 36 31.08 31.18 19.71
N ASP A 37 31.65 30.02 19.99
CA ASP A 37 32.94 29.55 19.40
C ASP A 37 32.68 28.76 18.09
N LEU A 38 31.42 28.44 17.77
CA LEU A 38 31.06 27.74 16.50
C LEU A 38 31.27 28.71 15.34
N PRO A 39 32.01 28.33 14.28
CA PRO A 39 32.15 29.18 13.09
C PRO A 39 30.80 29.68 12.52
N ALA A 40 30.77 30.94 12.08
CA ALA A 40 29.58 31.65 11.57
C ALA A 40 28.88 30.82 10.48
N ALA A 41 29.63 30.11 9.66
CA ALA A 41 29.08 29.37 8.49
C ALA A 41 28.28 28.15 8.97
N LEU A 42 28.79 27.42 9.96
CA LEU A 42 28.10 26.27 10.57
C LEU A 42 26.83 26.75 11.29
N LYS A 43 26.89 27.88 12.00
CA LYS A 43 25.70 28.48 12.66
C LYS A 43 24.61 28.76 11.62
N ALA A 44 24.99 29.42 10.51
CA ALA A 44 24.07 29.88 9.45
C ALA A 44 23.36 28.68 8.84
N ILE A 45 24.05 27.56 8.67
CA ILE A 45 23.43 26.30 8.16
C ILE A 45 22.51 25.73 9.26
N ALA A 46 22.94 25.72 10.52
CA ALA A 46 22.10 25.27 11.65
C ALA A 46 20.81 26.08 11.66
N LEU A 47 20.91 27.41 11.49
CA LEU A 47 19.72 28.31 11.49
C LEU A 47 18.82 27.98 10.28
N LYS A 48 19.41 27.62 9.15
CA LYS A 48 18.65 27.24 7.93
C LYS A 48 17.81 26.01 8.26
N VAL A 49 18.38 25.06 8.96
CA VAL A 49 17.65 23.80 9.31
C VAL A 49 16.51 24.15 10.26
N GLN A 50 16.77 24.97 11.28
CA GLN A 50 15.71 25.45 12.23
C GLN A 50 14.61 26.14 11.42
N ASN A 51 14.93 26.85 10.34
CA ASN A 51 13.93 27.62 9.56
C ASN A 51 13.41 26.79 8.36
N GLN A 52 13.82 25.53 8.22
CA GLN A 52 13.34 24.65 7.12
C GLN A 52 13.69 25.31 5.78
N GLU A 53 14.88 25.89 5.67
CA GLU A 53 15.40 26.52 4.41
C GLU A 53 16.43 25.57 3.74
N ARG A 54 16.29 25.39 2.43
CA ARG A 54 17.19 24.54 1.62
C ARG A 54 18.65 24.93 1.83
N ILE A 55 19.52 23.92 1.91
CA ILE A 55 21.00 24.06 1.95
C ILE A 55 21.48 24.12 0.50
N THR A 56 22.37 25.06 0.19
CA THR A 56 22.88 25.26 -1.19
C THR A 56 24.01 24.27 -1.44
N PHE A 57 24.41 24.16 -2.71
CA PHE A 57 25.55 23.34 -3.15
C PHE A 57 26.79 23.70 -2.32
N ASP A 58 27.24 24.97 -2.23
CA ASP A 58 28.54 25.30 -1.57
C ASP A 58 28.44 25.02 -0.06
N GLU A 59 27.24 25.14 0.50
CA GLU A 59 26.96 24.78 1.92
C GLU A 59 27.09 23.27 2.12
N GLY A 60 26.55 22.46 1.21
CA GLY A 60 26.70 21.00 1.21
C GLY A 60 28.16 20.58 1.22
N VAL A 61 28.96 21.16 0.33
CA VAL A 61 30.40 20.85 0.20
C VAL A 61 31.09 21.32 1.51
N TYR A 62 30.67 22.47 2.04
CA TYR A 62 31.20 23.04 3.30
C TYR A 62 30.97 22.06 4.46
N LEU A 63 29.78 21.44 4.56
CA LEU A 63 29.48 20.41 5.61
C LEU A 63 30.43 19.22 5.47
N TYR A 64 30.55 18.67 4.27
CA TYR A 64 31.46 17.52 4.01
C TYR A 64 32.88 17.89 4.47
N GLU A 65 33.35 19.10 4.17
CA GLU A 65 34.79 19.44 4.32
C GLU A 65 35.06 19.99 5.72
N ASN A 66 34.05 20.28 6.55
CA ASN A 66 34.28 21.06 7.80
C ASN A 66 33.49 20.53 9.00
N ALA A 67 32.25 20.08 8.83
CA ALA A 67 31.35 19.75 9.96
C ALA A 67 31.79 18.46 10.63
N GLU A 68 31.81 18.45 11.96
CA GLU A 68 32.08 17.24 12.78
C GLU A 68 30.80 16.42 12.92
N LEU A 69 30.97 15.13 13.23
CA LEU A 69 29.90 14.13 13.47
C LEU A 69 28.83 14.67 14.43
N GLY A 70 29.24 15.14 15.61
CA GLY A 70 28.28 15.63 16.62
C GLY A 70 27.36 16.68 16.05
N TYR A 71 27.92 17.69 15.37
CA TYR A 71 27.16 18.78 14.74
C TYR A 71 26.16 18.19 13.73
N LEU A 72 26.63 17.28 12.88
CA LEU A 72 25.81 16.75 11.77
C LEU A 72 24.66 15.92 12.37
N GLY A 73 24.93 15.16 13.42
CA GLY A 73 23.90 14.45 14.20
C GLY A 73 22.81 15.40 14.66
N VAL A 74 23.19 16.55 15.20
CA VAL A 74 22.16 17.48 15.73
C VAL A 74 21.23 17.86 14.58
N LEU A 75 21.78 18.21 13.41
CA LEU A 75 20.96 18.77 12.29
C LEU A 75 20.19 17.64 11.63
N ALA A 76 20.86 16.55 11.27
CA ALA A 76 20.23 15.39 10.61
C ALA A 76 19.12 14.81 11.49
N ASN A 77 19.37 14.64 12.79
CA ASN A 77 18.38 13.96 13.67
C ASN A 77 17.18 14.89 13.86
N TYR A 78 17.43 16.20 13.92
CA TYR A 78 16.34 17.22 13.99
C TYR A 78 15.40 17.01 12.80
N ILE A 79 15.97 16.92 11.61
CA ILE A 79 15.15 16.79 10.37
C ILE A 79 14.46 15.43 10.40
N ARG A 80 15.19 14.36 10.78
CA ARG A 80 14.63 12.98 10.78
C ARG A 80 13.43 12.93 11.74
N GLU A 81 13.56 13.47 12.95
CA GLU A 81 12.47 13.38 13.96
C GLU A 81 11.33 14.33 13.60
N GLN A 82 11.61 15.49 12.99
CA GLN A 82 10.52 16.41 12.56
C GLN A 82 9.65 15.66 11.56
N LYS A 83 10.23 14.90 10.64
CA LYS A 83 9.47 14.22 9.56
C LYS A 83 8.83 12.92 10.07
N HIS A 84 9.57 12.10 10.81
CA HIS A 84 9.18 10.70 11.09
C HIS A 84 8.98 10.43 12.59
N GLY A 85 9.28 11.39 13.47
CA GLY A 85 9.43 11.07 14.90
C GLY A 85 10.41 9.93 15.06
N ASP A 86 10.03 8.89 15.79
CA ASP A 86 10.86 7.68 16.04
C ASP A 86 10.56 6.60 14.99
N ASN A 87 9.61 6.80 14.07
CA ASN A 87 9.25 5.76 13.07
C ASN A 87 10.53 5.31 12.37
N THR A 88 10.78 4.01 12.40
CA THR A 88 11.86 3.34 11.64
C THR A 88 11.22 2.25 10.79
N TYR A 89 11.28 2.41 9.47
CA TYR A 89 10.51 1.61 8.49
C TYR A 89 11.37 0.49 7.90
N PHE A 90 10.74 -0.65 7.67
CA PHE A 90 11.28 -1.82 6.94
C PHE A 90 10.08 -2.53 6.28
N ASN A 91 10.29 -3.10 5.11
CA ASN A 91 9.20 -3.84 4.40
C ASN A 91 9.56 -5.34 4.34
N ARG A 92 8.61 -6.14 3.92
CA ARG A 92 8.74 -7.62 3.79
C ARG A 92 8.74 -7.92 2.29
N ASN A 93 9.93 -8.21 1.75
CA ASN A 93 10.15 -8.41 0.30
C ASN A 93 11.10 -9.58 0.06
N PHE A 94 11.31 -9.89 -1.21
CA PHE A 94 12.30 -10.91 -1.65
C PHE A 94 12.88 -10.46 -2.99
N HIS A 95 13.98 -11.09 -3.36
CA HIS A 95 14.83 -10.71 -4.51
CA HIS A 95 14.83 -10.70 -4.51
C HIS A 95 14.81 -11.82 -5.55
N ILE A 96 14.72 -11.45 -6.82
CA ILE A 96 15.02 -12.36 -7.97
C ILE A 96 16.16 -11.71 -8.75
N GLU A 97 17.20 -12.49 -9.00
CA GLU A 97 18.40 -12.06 -9.74
C GLU A 97 18.37 -12.80 -11.06
N PRO A 98 17.87 -12.17 -12.15
CA PRO A 98 17.74 -12.84 -13.44
C PRO A 98 19.08 -13.39 -13.98
N THR A 99 20.19 -12.75 -13.68
CA THR A 99 21.52 -13.20 -14.15
C THR A 99 22.60 -12.57 -13.27
N ASN A 100 23.72 -13.26 -13.11
CA ASN A 100 24.88 -12.78 -12.32
C ASN A 100 26.08 -12.58 -13.24
N VAL A 101 25.84 -12.43 -14.53
CA VAL A 101 26.85 -11.94 -15.52
C VAL A 101 26.30 -10.71 -16.22
N CYS A 102 27.16 -9.93 -16.83
CA CYS A 102 26.78 -8.58 -17.29
C CYS A 102 27.60 -8.19 -18.51
N VAL A 103 27.01 -7.39 -19.40
CA VAL A 103 27.68 -6.85 -20.63
C VAL A 103 28.43 -5.56 -20.30
N TYR A 104 28.34 -5.02 -19.07
CA TYR A 104 28.99 -3.73 -18.73
C TYR A 104 30.26 -3.97 -17.90
N ASP A 105 31.06 -2.92 -17.65
CA ASP A 105 32.35 -3.04 -16.92
C ASP A 105 32.43 -1.95 -15.84
N CYS A 106 31.64 -2.08 -14.80
CA CYS A 106 31.67 -1.23 -13.60
C CYS A 106 32.88 -1.71 -12.79
N LYS A 107 33.83 -0.82 -12.51
CA LYS A 107 35.09 -1.15 -11.82
C LYS A 107 34.85 -1.63 -10.39
N PHE A 108 33.71 -1.25 -9.78
CA PHE A 108 33.36 -1.60 -8.37
C PHE A 108 32.57 -2.92 -8.32
N CYS A 109 32.19 -3.49 -9.48
CA CYS A 109 31.18 -4.59 -9.51
C CYS A 109 31.84 -5.93 -9.85
N SER A 110 31.46 -6.97 -9.13
CA SER A 110 32.02 -8.32 -9.32
C SER A 110 31.37 -9.01 -10.52
N TYR A 111 30.30 -8.44 -11.09
CA TYR A 111 29.64 -8.94 -12.32
C TYR A 111 30.26 -8.34 -13.59
N SER A 112 31.23 -7.42 -13.48
CA SER A 112 31.88 -6.75 -14.64
C SER A 112 32.31 -7.81 -15.66
N ARG A 113 32.04 -7.60 -16.96
CA ARG A 113 32.44 -8.54 -18.03
C ARG A 113 33.98 -8.70 -18.01
N LEU A 114 34.75 -7.75 -17.46
CA LEU A 114 36.23 -7.84 -17.47
C LEU A 114 36.76 -8.83 -16.43
N ILE A 115 36.04 -9.17 -15.36
CA ILE A 115 36.60 -10.12 -14.34
C ILE A 115 35.71 -11.35 -14.17
N LYS A 116 34.64 -11.46 -14.98
CA LYS A 116 33.68 -12.59 -14.91
C LYS A 116 33.19 -12.88 -16.33
N GLN A 117 33.58 -14.05 -16.84
CA GLN A 117 33.13 -14.58 -18.15
C GLN A 117 31.68 -15.07 -17.99
N LYS A 118 30.97 -15.16 -19.12
CA LYS A 118 29.57 -15.67 -19.17
C LYS A 118 29.50 -17.08 -18.57
N GLU A 119 30.56 -17.89 -18.74
CA GLU A 119 30.61 -19.34 -18.36
C GLU A 119 30.62 -19.54 -16.82
N GLU A 120 31.11 -18.58 -16.01
CA GLU A 120 31.09 -18.67 -14.52
C GLU A 120 29.66 -18.42 -13.99
N GLY A 121 28.71 -18.15 -14.88
CA GLY A 121 27.44 -17.51 -14.51
C GLY A 121 26.25 -18.29 -15.03
N TRP A 122 25.07 -17.85 -14.63
CA TRP A 122 23.78 -18.43 -15.08
C TRP A 122 22.86 -17.31 -15.57
N GLU A 123 21.81 -17.70 -16.26
CA GLU A 123 20.78 -16.82 -16.86
C GLU A 123 19.43 -17.49 -16.62
N MET A 124 18.54 -16.89 -15.85
CA MET A 124 17.19 -17.45 -15.62
C MET A 124 16.37 -17.26 -16.90
N SER A 125 15.49 -18.22 -17.19
CA SER A 125 14.37 -18.05 -18.14
C SER A 125 13.20 -17.37 -17.42
N VAL A 126 12.16 -16.96 -18.14
CA VAL A 126 10.92 -16.45 -17.51
C VAL A 126 10.33 -17.56 -16.63
N ASP A 127 10.31 -18.80 -17.10
CA ASP A 127 9.82 -19.96 -16.29
C ASP A 127 10.57 -20.01 -14.97
N GLY A 128 11.90 -19.93 -15.01
CA GLY A 128 12.75 -19.96 -13.81
C GLY A 128 12.40 -18.85 -12.82
N MET A 129 12.14 -17.64 -13.31
CA MET A 129 11.80 -16.50 -12.42
C MET A 129 10.44 -16.78 -11.77
N MET A 130 9.49 -17.31 -12.52
CA MET A 130 8.13 -17.60 -12.00
C MET A 130 8.23 -18.70 -10.96
N GLU A 131 9.11 -19.69 -11.15
CA GLU A 131 9.31 -20.82 -10.18
C GLU A 131 9.84 -20.27 -8.87
N VAL A 132 10.75 -19.30 -8.90
CA VAL A 132 11.25 -18.63 -7.66
C VAL A 132 10.12 -17.81 -7.03
N LEU A 133 9.40 -17.00 -7.81
CA LEU A 133 8.29 -16.16 -7.26
C LEU A 133 7.27 -17.08 -6.54
N LYS A 134 6.94 -18.25 -7.13
CA LYS A 134 5.90 -19.17 -6.58
C LYS A 134 6.36 -19.77 -5.24
N LYS A 135 7.67 -19.86 -4.98
CA LYS A 135 8.20 -20.30 -3.67
C LYS A 135 7.74 -19.37 -2.53
N TYR A 136 7.35 -18.12 -2.83
CA TYR A 136 6.98 -17.12 -1.80
C TYR A 136 5.46 -17.00 -1.66
N ASP A 137 4.69 -17.85 -2.34
CA ASP A 137 3.20 -17.76 -2.41
C ASP A 137 2.57 -17.77 -1.01
N HIS A 138 3.19 -18.40 0.00
CA HIS A 138 2.65 -18.51 1.38
C HIS A 138 3.32 -17.49 2.31
N GLU A 139 4.24 -16.67 1.81
CA GLU A 139 4.82 -15.55 2.59
C GLU A 139 4.01 -14.29 2.36
N PRO A 140 3.75 -13.49 3.41
CA PRO A 140 3.05 -12.20 3.27
C PRO A 140 3.93 -11.06 2.75
N VAL A 141 4.88 -11.38 1.87
CA VAL A 141 5.76 -10.38 1.17
C VAL A 141 4.85 -9.41 0.42
N THR A 142 5.21 -8.12 0.43
CA THR A 142 4.43 -7.06 -0.24
C THR A 142 5.07 -6.67 -1.57
N GLU A 143 6.29 -7.14 -1.82
CA GLU A 143 7.10 -6.61 -2.93
C GLU A 143 8.16 -7.63 -3.32
N VAL A 144 8.47 -7.69 -4.61
CA VAL A 144 9.67 -8.42 -5.12
C VAL A 144 10.62 -7.38 -5.72
N HIS A 145 11.91 -7.46 -5.38
CA HIS A 145 12.99 -6.59 -5.92
C HIS A 145 13.68 -7.38 -7.04
N ILE A 146 13.68 -6.86 -8.26
CA ILE A 146 14.32 -7.56 -9.40
C ILE A 146 15.49 -6.73 -9.94
N THR A 147 16.68 -7.32 -9.87
CA THR A 147 17.94 -6.65 -10.26
C THR A 147 19.06 -7.68 -10.49
N GLY A 148 20.02 -7.31 -11.33
CA GLY A 148 21.20 -8.14 -11.65
C GLY A 148 21.93 -7.61 -12.87
N GLY A 149 22.70 -8.46 -13.53
CA GLY A 149 23.42 -8.10 -14.76
C GLY A 149 22.48 -7.75 -15.90
N VAL A 150 23.05 -7.13 -16.94
CA VAL A 150 22.39 -6.77 -18.21
C VAL A 150 22.93 -7.77 -19.24
N VAL A 151 22.05 -8.53 -19.91
CA VAL A 151 22.44 -9.49 -20.99
C VAL A 151 21.40 -9.43 -22.10
N PRO A 152 21.82 -9.64 -23.38
CA PRO A 152 20.95 -9.39 -24.54
C PRO A 152 19.74 -10.32 -24.63
N LYS A 153 19.78 -11.56 -24.12
CA LYS A 153 18.63 -12.51 -24.14
C LYS A 153 17.54 -12.04 -23.18
N GLN A 154 17.92 -11.30 -22.12
CA GLN A 154 16.97 -10.73 -21.13
C GLN A 154 16.54 -9.36 -21.63
N ASN A 155 15.67 -9.36 -22.64
CA ASN A 155 15.28 -8.17 -23.44
C ASN A 155 13.91 -7.65 -22.98
N LEU A 156 13.38 -6.66 -23.69
CA LEU A 156 12.04 -6.08 -23.39
C LEU A 156 10.99 -7.19 -23.41
N GLU A 157 11.04 -8.06 -24.41
CA GLU A 157 10.11 -9.21 -24.60
C GLU A 157 10.16 -10.13 -23.35
N PHE A 158 11.36 -10.49 -22.91
CA PHE A 158 11.58 -11.34 -21.71
C PHE A 158 10.90 -10.71 -20.47
N TYR A 159 11.19 -9.43 -20.20
CA TYR A 159 10.81 -8.79 -18.92
C TYR A 159 9.32 -8.45 -18.95
N SER A 160 8.78 -8.01 -20.09
CA SER A 160 7.31 -7.77 -20.24
C SER A 160 6.56 -9.10 -20.07
N ASP A 161 7.09 -10.20 -20.60
CA ASP A 161 6.50 -11.56 -20.46
C ASP A 161 6.44 -11.90 -18.98
N PHE A 162 7.53 -11.68 -18.24
CA PHE A 162 7.63 -12.00 -16.80
C PHE A 162 6.66 -11.15 -15.98
N PHE A 163 6.66 -9.83 -16.16
CA PHE A 163 5.75 -8.89 -15.47
C PHE A 163 4.29 -9.37 -15.63
N ARG A 164 3.87 -9.77 -16.83
CA ARG A 164 2.47 -10.19 -17.09
C ARG A 164 2.14 -11.48 -16.29
N ARG A 165 3.06 -12.44 -16.28
CA ARG A 165 2.86 -13.74 -15.59
C ARG A 165 2.81 -13.52 -14.06
N ALA A 166 3.68 -12.66 -13.51
CA ALA A 166 3.76 -12.39 -12.07
C ALA A 166 2.44 -11.71 -11.66
N LYS A 167 1.97 -10.75 -12.46
CA LYS A 167 0.72 -10.00 -12.14
C LYS A 167 -0.50 -10.92 -12.25
N ALA A 168 -0.54 -11.84 -13.22
CA ALA A 168 -1.67 -12.79 -13.35
C ALA A 168 -1.62 -13.77 -12.17
N HIS A 169 -0.44 -14.24 -11.75
CA HIS A 169 -0.30 -15.21 -10.65
C HIS A 169 -0.53 -14.56 -9.28
N ARG A 170 0.06 -13.40 -9.01
CA ARG A 170 -0.08 -12.75 -7.68
C ARG A 170 -0.28 -11.25 -7.86
N PRO A 171 -1.52 -10.79 -8.15
CA PRO A 171 -1.75 -9.43 -8.60
C PRO A 171 -1.33 -8.36 -7.59
N GLU A 172 -1.33 -8.70 -6.29
CA GLU A 172 -1.07 -7.73 -5.19
C GLU A 172 0.42 -7.73 -4.81
N LEU A 173 1.29 -8.50 -5.49
CA LEU A 173 2.75 -8.43 -5.24
C LEU A 173 3.33 -7.23 -6.02
N HIS A 174 3.87 -6.24 -5.32
CA HIS A 174 4.47 -5.02 -5.93
C HIS A 174 5.77 -5.41 -6.64
N ILE A 175 5.91 -5.01 -7.90
CA ILE A 175 7.11 -5.33 -8.74
C ILE A 175 7.98 -4.07 -8.80
N LYS A 176 9.05 -4.13 -7.99
CA LYS A 176 10.15 -3.15 -7.96
C LYS A 176 11.27 -3.78 -8.78
N ALA A 177 11.25 -3.53 -10.10
CA ALA A 177 12.12 -4.23 -11.07
C ALA A 177 12.92 -3.23 -11.93
N LEU A 178 14.24 -3.39 -11.92
CA LEU A 178 15.19 -2.94 -12.97
C LEU A 178 15.49 -1.45 -12.80
N THR A 179 16.70 -1.04 -13.18
CA THR A 179 17.23 0.34 -13.08
C THR A 179 17.27 0.95 -14.47
N PRO A 180 17.51 2.27 -14.60
CA PRO A 180 17.72 2.87 -15.92
C PRO A 180 18.86 2.23 -16.72
N VAL A 181 19.81 1.57 -16.05
CA VAL A 181 20.94 0.91 -16.73
C VAL A 181 20.31 -0.16 -17.62
N GLU A 182 19.38 -0.92 -17.03
CA GLU A 182 18.71 -2.04 -17.72
C GLU A 182 17.73 -1.45 -18.74
N TYR A 183 16.90 -0.49 -18.33
CA TYR A 183 15.85 0.06 -19.23
C TYR A 183 16.51 0.80 -20.41
N TYR A 184 17.64 1.49 -20.21
CA TYR A 184 18.28 2.24 -21.32
C TYR A 184 18.62 1.22 -22.40
N TYR A 185 19.21 0.12 -21.97
CA TYR A 185 19.71 -0.97 -22.86
C TYR A 185 18.55 -1.58 -23.64
N ILE A 186 17.49 -2.02 -22.95
CA ILE A 186 16.41 -2.81 -23.64
C ILE A 186 15.51 -1.85 -24.44
N PHE A 187 15.33 -0.59 -24.04
CA PHE A 187 14.52 0.39 -24.82
C PHE A 187 15.29 0.72 -26.10
N LYS A 188 16.62 0.87 -26.01
CA LYS A 188 17.44 1.30 -27.15
C LYS A 188 17.35 0.18 -28.21
N LYS A 189 17.44 -1.07 -27.76
CA LYS A 189 17.39 -2.27 -28.65
C LYS A 189 15.96 -2.42 -29.21
N ALA A 190 14.93 -2.13 -28.43
CA ALA A 190 13.51 -2.23 -28.87
C ALA A 190 13.14 -1.04 -29.78
N LYS A 191 13.96 0.02 -29.79
CA LYS A 191 13.69 1.31 -30.48
C LYS A 191 12.48 2.03 -29.86
N LEU A 192 12.31 1.94 -28.55
CA LEU A 192 11.23 2.64 -27.81
C LEU A 192 11.84 3.88 -27.18
N SER A 193 11.11 4.99 -27.19
CA SER A 193 11.46 6.18 -26.42
C SER A 193 11.42 5.79 -24.93
N HIS A 194 12.10 6.54 -24.06
CA HIS A 194 12.06 6.24 -22.61
C HIS A 194 10.62 6.33 -22.10
N TYR A 195 9.85 7.33 -22.55
CA TYR A 195 8.45 7.52 -22.07
C TYR A 195 7.63 6.30 -22.51
N ASP A 196 7.71 5.94 -23.79
CA ASP A 196 6.90 4.86 -24.39
C ASP A 196 7.31 3.55 -23.78
N GLY A 197 8.62 3.35 -23.56
CA GLY A 197 9.13 2.10 -22.96
C GLY A 197 8.61 1.89 -21.54
N MET A 198 8.72 2.92 -20.69
CA MET A 198 8.29 2.83 -19.27
C MET A 198 6.77 2.69 -19.25
N LYS A 199 6.07 3.30 -20.22
CA LYS A 199 4.59 3.15 -20.29
C LYS A 199 4.27 1.69 -20.59
N TYR A 200 4.97 1.10 -21.55
CA TYR A 200 4.75 -0.30 -21.98
C TYR A 200 5.03 -1.24 -20.81
N MET A 201 6.15 -1.03 -20.13
CA MET A 201 6.58 -1.87 -18.99
C MET A 201 5.57 -1.75 -17.83
N GLN A 202 5.03 -0.57 -17.56
CA GLN A 202 3.99 -0.36 -16.51
C GLN A 202 2.70 -1.12 -16.85
N GLU A 203 2.26 -1.06 -18.11
CA GLU A 203 1.06 -1.82 -18.59
C GLU A 203 1.27 -3.32 -18.37
N ALA A 204 2.50 -3.80 -18.58
CA ALA A 204 2.81 -5.25 -18.46
C ALA A 204 2.82 -5.64 -16.98
N GLY A 205 3.01 -4.68 -16.07
CA GLY A 205 2.92 -4.93 -14.62
C GLY A 205 4.08 -4.36 -13.78
N LEU A 206 5.02 -3.62 -14.37
CA LEU A 206 6.04 -2.87 -13.59
C LEU A 206 5.31 -1.92 -12.64
N ASP A 207 5.69 -1.88 -11.36
CA ASP A 207 5.06 -0.97 -10.36
C ASP A 207 6.01 0.17 -10.00
N SER A 208 7.27 -0.12 -9.70
CA SER A 208 8.29 0.91 -9.36
C SER A 208 9.69 0.42 -9.78
N MET A 209 10.66 1.34 -9.74
CA MET A 209 12.08 1.00 -9.97
C MET A 209 12.82 1.12 -8.65
N PRO A 210 13.77 0.23 -8.38
CA PRO A 210 14.78 0.48 -7.36
C PRO A 210 15.76 1.59 -7.78
N GLY A 211 16.67 1.96 -6.89
CA GLY A 211 17.53 3.15 -7.02
C GLY A 211 18.91 2.85 -7.59
N GLY A 212 19.18 1.57 -7.95
CA GLY A 212 20.48 1.12 -8.52
C GLY A 212 20.91 1.88 -9.78
N GLY A 213 22.20 1.74 -10.13
CA GLY A 213 22.80 2.24 -11.39
C GLY A 213 23.11 3.73 -11.36
N ALA A 214 22.90 4.40 -10.23
CA ALA A 214 23.21 5.83 -10.06
C ALA A 214 24.72 6.04 -9.91
N GLU A 215 25.41 5.18 -9.15
CA GLU A 215 26.86 5.30 -8.87
C GLU A 215 27.19 6.74 -8.45
N ILE A 216 28.10 7.39 -9.15
CA ILE A 216 28.25 8.87 -9.14
C ILE A 216 27.91 9.37 -10.55
N PHE A 217 27.14 10.43 -10.65
CA PHE A 217 26.65 11.02 -11.91
C PHE A 217 27.78 11.75 -12.67
N HIS A 218 28.63 12.52 -11.97
CA HIS A 218 29.58 13.46 -12.63
C HIS A 218 30.53 12.68 -13.53
N PRO A 219 30.63 13.02 -14.84
CA PRO A 219 31.52 12.35 -15.78
C PRO A 219 32.96 12.05 -15.31
N GLU A 220 33.58 13.02 -14.64
CA GLU A 220 34.97 12.88 -14.13
C GLU A 220 35.14 11.55 -13.36
N VAL A 221 34.18 11.18 -12.51
CA VAL A 221 34.19 9.92 -11.74
C VAL A 221 33.57 8.80 -12.57
N ARG A 222 32.40 9.06 -13.18
CA ARG A 222 31.60 7.99 -13.84
C ARG A 222 32.38 7.34 -15.00
N GLU A 223 33.12 8.15 -15.77
CA GLU A 223 33.99 7.69 -16.88
C GLU A 223 35.03 6.71 -16.34
N LYS A 224 35.43 6.80 -15.07
CA LYS A 224 36.50 5.95 -14.46
C LYS A 224 35.90 4.74 -13.73
N ILE A 225 34.66 4.80 -13.24
CA ILE A 225 34.09 3.67 -12.46
C ILE A 225 32.97 2.95 -13.22
N ALA A 226 32.31 3.55 -14.20
CA ALA A 226 31.14 2.95 -14.89
C ALA A 226 31.02 3.54 -16.28
N HIS A 227 32.02 3.30 -17.15
N HIS A 227 32.00 3.20 -17.14
CA HIS A 227 32.20 4.03 -18.43
CA HIS A 227 32.31 3.91 -18.41
C HIS A 227 31.06 3.69 -19.41
C HIS A 227 31.23 3.65 -19.46
N ASP A 228 30.73 2.41 -19.58
CA ASP A 228 29.93 1.87 -20.72
CA ASP A 228 29.93 1.93 -20.74
C ASP A 228 28.42 2.01 -20.51
N LYS A 229 27.92 1.93 -19.26
CA LYS A 229 26.45 1.87 -19.02
C LYS A 229 25.86 3.28 -19.08
N CYS A 230 24.55 3.40 -18.93
CA CYS A 230 23.84 4.68 -19.15
C CYS A 230 24.47 5.77 -18.27
N ASN A 231 24.53 6.99 -18.82
CA ASN A 231 25.10 8.19 -18.15
C ASN A 231 24.04 8.81 -17.22
N ALA A 232 24.41 9.90 -16.53
CA ALA A 232 23.53 10.63 -15.57
C ALA A 232 22.23 11.09 -16.27
N GLU A 233 22.36 11.68 -17.45
CA GLU A 233 21.23 12.30 -18.21
C GLU A 233 20.17 11.23 -18.46
N GLN A 234 20.62 10.02 -18.82
CA GLN A 234 19.73 8.90 -19.23
C GLN A 234 19.13 8.29 -17.96
N TRP A 235 19.92 8.15 -16.91
CA TRP A 235 19.42 7.69 -15.61
C TRP A 235 18.27 8.60 -15.16
N LEU A 236 18.49 9.92 -15.10
CA LEU A 236 17.49 10.87 -14.58
C LEU A 236 16.27 10.94 -15.51
N ASP A 237 16.49 10.81 -16.82
CA ASP A 237 15.41 10.93 -17.82
C ASP A 237 14.46 9.74 -17.65
N ILE A 238 14.99 8.54 -17.46
CA ILE A 238 14.12 7.34 -17.27
C ILE A 238 13.32 7.49 -15.96
N HIS A 239 13.93 8.02 -14.88
CA HIS A 239 13.17 8.28 -13.62
C HIS A 239 12.08 9.32 -13.87
N GLU A 240 12.39 10.38 -14.63
CA GLU A 240 11.41 11.44 -15.02
C GLU A 240 10.20 10.79 -15.70
N GLN A 241 10.42 9.85 -16.62
CA GLN A 241 9.31 9.24 -17.41
C GLN A 241 8.46 8.39 -16.45
N ALA A 242 9.10 7.64 -15.55
CA ALA A 242 8.43 6.84 -14.51
C ALA A 242 7.55 7.75 -13.65
N HIS A 243 8.08 8.88 -13.19
CA HIS A 243 7.35 9.84 -12.33
C HIS A 243 6.14 10.40 -13.09
N LYS A 244 6.30 10.77 -14.36
CA LYS A 244 5.21 11.32 -15.23
C LYS A 244 4.10 10.28 -15.40
N LEU A 245 4.43 8.98 -15.31
CA LEU A 245 3.47 7.85 -15.40
C LEU A 245 2.95 7.44 -14.02
N GLY A 246 3.31 8.19 -12.97
CA GLY A 246 2.73 8.00 -11.62
C GLY A 246 3.44 6.94 -10.83
N MET A 247 4.62 6.52 -11.29
CA MET A 247 5.48 5.53 -10.56
C MET A 247 6.32 6.28 -9.54
N LYS A 248 6.44 5.72 -8.35
CA LYS A 248 7.46 6.07 -7.35
C LYS A 248 8.73 5.31 -7.69
N THR A 249 9.89 5.89 -7.39
CA THR A 249 11.21 5.25 -7.60
C THR A 249 12.10 5.66 -6.43
N ASN A 250 13.20 4.92 -6.25
CA ASN A 250 14.27 5.21 -5.28
C ASN A 250 15.45 5.81 -6.05
N ALA A 251 16.36 6.39 -5.31
CA ALA A 251 17.65 6.88 -5.83
C ALA A 251 18.75 6.37 -4.92
N THR A 252 19.91 6.06 -5.50
CA THR A 252 21.13 5.66 -4.74
C THR A 252 22.26 6.65 -5.04
N MET A 253 23.35 6.48 -4.30
CA MET A 253 24.65 7.15 -4.55
C MET A 253 25.72 6.22 -3.98
N LEU A 254 26.60 5.73 -4.83
CA LEU A 254 27.82 4.96 -4.44
C LEU A 254 28.88 5.96 -3.98
N TYR A 255 29.23 5.93 -2.70
CA TYR A 255 30.19 6.89 -2.09
C TYR A 255 31.33 6.12 -1.41
N GLY A 256 32.40 6.85 -1.09
CA GLY A 256 33.54 6.37 -0.28
C GLY A 256 34.53 5.57 -1.09
N HIS A 257 34.76 5.95 -2.35
CA HIS A 257 35.71 5.30 -3.29
C HIS A 257 36.70 6.36 -3.74
N ILE A 258 36.69 6.78 -5.01
CA ILE A 258 37.67 7.73 -5.60
C ILE A 258 37.03 9.10 -5.81
N GLU A 259 35.76 9.30 -5.43
CA GLU A 259 35.07 10.59 -5.67
C GLU A 259 35.57 11.62 -4.63
N GLN A 260 35.50 12.91 -4.98
CA GLN A 260 35.62 14.04 -4.03
C GLN A 260 34.23 14.35 -3.42
N PHE A 261 34.18 15.09 -2.31
CA PHE A 261 32.92 15.45 -1.62
C PHE A 261 32.00 16.22 -2.58
N TRP A 262 32.57 17.08 -3.43
CA TRP A 262 31.76 17.92 -4.36
C TRP A 262 31.09 17.03 -5.40
N HIS A 263 31.67 15.90 -5.77
CA HIS A 263 30.99 14.89 -6.65
C HIS A 263 29.72 14.39 -5.96
N ARG A 264 29.76 14.15 -4.64
CA ARG A 264 28.58 13.64 -3.88
C ARG A 264 27.52 14.73 -3.89
N VAL A 265 27.92 15.99 -3.73
CA VAL A 265 26.96 17.13 -3.66
C VAL A 265 26.38 17.32 -5.05
N ASP A 266 27.23 17.27 -6.08
CA ASP A 266 26.75 17.28 -7.49
C ASP A 266 25.68 16.19 -7.68
N HIS A 267 25.97 14.95 -7.30
CA HIS A 267 25.04 13.81 -7.41
C HIS A 267 23.71 14.14 -6.71
N MET A 268 23.75 14.53 -5.44
CA MET A 268 22.53 14.88 -4.67
C MET A 268 21.80 16.08 -5.29
N GLU A 269 22.56 17.04 -5.83
CA GLU A 269 21.96 18.28 -6.41
C GLU A 269 21.13 17.86 -7.63
N ARG A 270 21.66 16.94 -8.45
CA ARG A 270 20.92 16.48 -9.65
C ARG A 270 19.64 15.78 -9.21
N LEU A 271 19.75 14.90 -8.21
CA LEU A 271 18.59 14.17 -7.65
C LEU A 271 17.57 15.19 -7.13
N ARG A 272 18.04 16.24 -6.45
CA ARG A 272 17.14 17.20 -5.75
C ARG A 272 16.33 18.03 -6.77
N ARG A 273 16.99 18.53 -7.81
CA ARG A 273 16.33 19.23 -8.96
C ARG A 273 15.32 18.28 -9.63
N GLN A 274 15.71 17.06 -9.94
CA GLN A 274 14.78 16.08 -10.55
C GLN A 274 13.56 15.98 -9.64
N GLN A 275 13.76 15.86 -8.32
CA GLN A 275 12.66 15.66 -7.36
C GLN A 275 11.79 16.92 -7.34
N ASP A 276 12.40 18.12 -7.43
CA ASP A 276 11.63 19.39 -7.56
C ASP A 276 10.76 19.34 -8.83
N LYS A 277 11.26 18.79 -9.93
CA LYS A 277 10.49 18.75 -11.21
C LYS A 277 9.34 17.74 -11.09
N THR A 278 9.59 16.50 -10.69
CA THR A 278 8.63 15.38 -10.89
C THR A 278 8.14 14.73 -9.58
N GLY A 279 8.84 14.86 -8.45
CA GLY A 279 8.35 14.49 -7.10
C GLY A 279 8.14 13.00 -6.85
N GLY A 280 8.60 12.09 -7.71
CA GLY A 280 8.29 10.65 -7.58
C GLY A 280 9.33 9.86 -6.78
N PHE A 281 10.45 10.45 -6.37
CA PHE A 281 11.42 9.72 -5.49
C PHE A 281 10.78 9.51 -4.10
N GLN A 282 10.96 8.34 -3.50
CA GLN A 282 10.53 8.09 -2.11
C GLN A 282 11.74 8.10 -1.18
N ALA A 283 12.75 7.28 -1.48
CA ALA A 283 13.92 7.11 -0.60
C ALA A 283 15.22 7.40 -1.37
N PHE A 284 16.17 8.04 -0.69
CA PHE A 284 17.59 8.17 -1.10
C PHE A 284 18.40 7.19 -0.27
N ILE A 285 19.20 6.37 -0.95
CA ILE A 285 19.93 5.21 -0.36
C ILE A 285 21.41 5.37 -0.68
N PRO A 286 22.21 5.98 0.23
CA PRO A 286 23.67 5.94 0.10
C PRO A 286 24.13 4.48 0.11
N LEU A 287 25.01 4.11 -0.80
CA LEU A 287 25.61 2.76 -0.82
C LEU A 287 27.11 2.90 -0.63
N LYS A 288 27.63 2.33 0.45
CA LYS A 288 29.05 2.44 0.85
C LYS A 288 29.89 1.55 -0.06
N PHE A 289 30.86 2.11 -0.79
CA PHE A 289 31.77 1.27 -1.60
C PHE A 289 32.52 0.29 -0.68
N ARG A 290 32.45 -0.98 -1.07
CA ARG A 290 33.15 -2.13 -0.46
C ARG A 290 34.17 -2.65 -1.48
N ASN A 291 35.42 -2.83 -1.04
CA ASN A 291 36.57 -3.03 -1.96
C ASN A 291 36.91 -4.52 -2.07
N GLN A 292 35.93 -5.42 -1.91
CA GLN A 292 36.15 -6.89 -2.03
C GLN A 292 35.61 -7.36 -3.40
N HIS A 293 36.42 -8.11 -4.15
CA HIS A 293 35.96 -8.91 -5.31
C HIS A 293 35.57 -7.97 -6.46
N ASN A 294 36.34 -6.91 -6.69
CA ASN A 294 36.12 -5.99 -7.82
C ASN A 294 37.45 -5.36 -8.20
N GLN A 295 37.53 -4.74 -9.37
CA GLN A 295 38.76 -4.12 -9.90
C GLN A 295 39.15 -2.88 -9.08
N MET A 296 38.39 -2.52 -8.03
CA MET A 296 38.69 -1.37 -7.13
C MET A 296 39.12 -1.91 -5.77
N ASP A 297 39.55 -3.17 -5.75
CA ASP A 297 40.31 -3.92 -4.70
C ASP A 297 41.25 -2.98 -3.92
N HIS A 298 42.08 -2.22 -4.65
CA HIS A 298 43.15 -1.36 -4.09
C HIS A 298 42.60 -0.13 -3.37
N VAL A 299 41.35 0.22 -3.61
CA VAL A 299 40.76 1.52 -3.16
C VAL A 299 40.31 1.34 -1.72
N PRO A 300 40.82 2.19 -0.80
CA PRO A 300 40.50 2.10 0.62
C PRO A 300 39.07 2.61 0.94
N GLU A 301 38.38 1.88 1.83
CA GLU A 301 37.01 2.20 2.30
C GLU A 301 37.07 3.34 3.31
N VAL A 302 36.04 4.16 3.39
CA VAL A 302 36.00 5.28 4.38
C VAL A 302 35.59 4.69 5.73
N SER A 303 35.82 5.43 6.79
CA SER A 303 35.57 5.03 8.20
C SER A 303 34.08 5.07 8.50
N VAL A 304 33.69 4.43 9.61
CA VAL A 304 32.31 4.48 10.17
C VAL A 304 31.95 5.95 10.37
N ILE A 305 32.86 6.77 10.91
CA ILE A 305 32.52 8.20 11.14
C ILE A 305 32.12 8.81 9.80
N GLU A 306 32.85 8.52 8.73
CA GLU A 306 32.57 9.11 7.39
C GLU A 306 31.22 8.60 6.87
N ASP A 307 30.83 7.35 7.16
CA ASP A 307 29.49 6.78 6.78
C ASP A 307 28.38 7.56 7.49
N LEU A 308 28.55 7.81 8.80
CA LEU A 308 27.53 8.52 9.60
C LEU A 308 27.45 10.00 9.16
N ARG A 309 28.58 10.67 8.89
CA ARG A 309 28.59 12.07 8.39
C ARG A 309 27.84 12.10 7.04
N ASN A 310 28.00 11.04 6.23
CA ASN A 310 27.41 10.99 4.86
C ASN A 310 25.88 10.86 4.98
N TYR A 311 25.38 9.97 5.84
CA TYR A 311 23.92 9.84 6.09
C TYR A 311 23.42 11.21 6.56
N ALA A 312 24.17 11.85 7.44
CA ALA A 312 23.69 13.10 8.05
C ALA A 312 23.55 14.16 6.96
N ILE A 313 24.57 14.29 6.10
CA ILE A 313 24.55 15.37 5.06
C ILE A 313 23.47 15.03 4.02
N ALA A 314 23.30 13.75 3.70
CA ALA A 314 22.19 13.30 2.82
C ALA A 314 20.85 13.78 3.41
N ARG A 315 20.59 13.55 4.70
CA ARG A 315 19.35 14.01 5.36
C ARG A 315 19.21 15.54 5.24
N ILE A 316 20.29 16.27 5.50
CA ILE A 316 20.27 17.75 5.45
C ILE A 316 20.05 18.23 4.01
N TYR A 317 20.72 17.62 3.03
CA TYR A 317 20.72 18.14 1.64
C TYR A 317 19.38 17.81 0.96
N MET A 318 18.92 16.58 1.12
CA MET A 318 17.79 16.04 0.33
C MET A 318 16.48 16.43 1.04
N ASP A 319 16.16 17.72 1.01
CA ASP A 319 15.05 18.27 1.83
C ASP A 319 13.72 17.88 1.21
N ASN A 320 13.69 17.37 -0.03
CA ASN A 320 12.39 17.04 -0.70
C ASN A 320 12.26 15.52 -0.87
N PHE A 321 13.07 14.74 -0.15
CA PHE A 321 12.98 13.26 -0.13
C PHE A 321 12.38 12.84 1.21
N ASP A 322 11.31 12.05 1.23
CA ASP A 322 10.73 11.65 2.54
C ASP A 322 11.76 10.83 3.33
N HIS A 323 12.41 9.87 2.69
CA HIS A 323 13.12 8.78 3.40
C HIS A 323 14.59 8.79 3.06
N ILE A 324 15.45 8.71 4.08
CA ILE A 324 16.88 8.28 3.96
C ILE A 324 16.93 6.84 4.43
N LYS A 325 17.42 5.95 3.59
CA LYS A 325 17.31 4.49 3.80
C LYS A 325 18.70 3.90 3.94
N ALA A 326 18.95 3.04 4.92
CA ALA A 326 20.23 2.31 5.01
C ALA A 326 20.03 0.85 4.58
N TYR A 327 20.87 0.37 3.68
CA TYR A 327 20.92 -1.05 3.25
C TYR A 327 21.73 -1.81 4.29
N TRP A 328 21.07 -2.53 5.23
N TRP A 328 21.09 -2.54 5.20
CA TRP A 328 21.75 -3.14 6.40
CA TRP A 328 21.77 -3.11 6.39
C TRP A 328 22.80 -4.16 5.94
C TRP A 328 22.76 -4.21 6.00
N ALA A 329 22.53 -4.94 4.90
CA ALA A 329 23.45 -5.99 4.40
C ALA A 329 24.89 -5.47 4.23
N MET A 330 25.07 -4.24 3.73
CA MET A 330 26.38 -3.72 3.26
C MET A 330 27.20 -3.06 4.38
N ILE A 331 26.68 -2.97 5.61
CA ILE A 331 27.35 -2.28 6.76
C ILE A 331 27.26 -3.13 8.03
N SER A 332 28.17 -2.90 8.98
CA SER A 332 28.12 -3.41 10.37
C SER A 332 26.72 -3.15 10.97
N ARG A 333 26.29 -4.03 11.87
CA ARG A 333 25.11 -3.88 12.75
C ARG A 333 25.13 -2.51 13.43
N GLN A 334 26.31 -2.17 13.96
CA GLN A 334 26.54 -1.02 14.84
C GLN A 334 26.33 0.26 14.02
N THR A 335 26.90 0.35 12.81
CA THR A 335 26.74 1.48 11.87
C THR A 335 25.27 1.62 11.48
N ALA A 336 24.61 0.52 11.07
CA ALA A 336 23.16 0.50 10.78
C ALA A 336 22.38 1.12 11.95
N GLN A 337 22.62 0.64 13.17
CA GLN A 337 21.91 1.11 14.39
C GLN A 337 22.20 2.60 14.60
N LEU A 338 23.47 3.01 14.55
CA LEU A 338 23.84 4.42 14.81
C LEU A 338 23.28 5.29 13.69
N SER A 339 23.11 4.81 12.45
CA SER A 339 22.63 5.64 11.31
C SER A 339 21.23 6.21 11.61
N LEU A 340 20.46 5.49 12.45
CA LEU A 340 19.05 5.84 12.84
C LEU A 340 19.04 7.14 13.68
N ASN A 341 20.21 7.52 14.20
CA ASN A 341 20.45 8.81 14.91
C ASN A 341 21.13 9.85 14.01
N PHE A 342 21.49 9.52 12.76
CA PHE A 342 22.17 10.45 11.84
C PHE A 342 21.36 10.62 10.54
N GLY A 343 20.03 10.60 10.63
CA GLY A 343 19.15 11.01 9.52
C GLY A 343 18.36 9.86 8.91
N VAL A 344 18.66 8.61 9.26
CA VAL A 344 18.08 7.41 8.60
C VAL A 344 16.77 7.04 9.30
N ASP A 345 15.69 6.93 8.55
CA ASP A 345 14.36 6.50 9.07
C ASP A 345 13.97 5.15 8.45
N ASP A 346 14.71 4.66 7.47
CA ASP A 346 14.24 3.59 6.56
C ASP A 346 15.35 2.55 6.44
N ILE A 347 14.98 1.29 6.58
CA ILE A 347 15.90 0.11 6.53
C ILE A 347 15.47 -0.82 5.39
N ASP A 348 16.43 -1.25 4.59
CA ASP A 348 16.23 -2.36 3.64
C ASP A 348 17.01 -3.56 4.18
N GLY A 349 16.32 -4.67 4.40
CA GLY A 349 16.99 -5.97 4.52
C GLY A 349 16.20 -7.16 4.00
N THR A 350 16.89 -8.28 3.85
CA THR A 350 16.30 -9.61 3.62
C THR A 350 15.73 -10.07 4.97
N LEU A 351 14.44 -9.84 5.23
CA LEU A 351 13.75 -10.44 6.39
C LEU A 351 13.56 -11.92 6.12
N ASP A 352 14.01 -12.79 7.02
CA ASP A 352 13.98 -14.27 6.87
C ASP A 352 13.49 -14.90 8.18
N ASP A 353 12.19 -15.19 8.26
CA ASP A 353 11.53 -15.75 9.48
C ASP A 353 11.23 -17.25 9.37
N THR A 354 11.70 -17.92 8.32
CA THR A 354 11.39 -19.35 8.02
C THR A 354 12.01 -20.20 9.12
N THR A 355 11.32 -21.26 9.54
CA THR A 355 11.85 -22.33 10.43
C THR A 355 12.49 -23.40 9.53
N LYS A 356 13.80 -23.65 9.67
CA LYS A 356 14.54 -24.71 8.92
C LYS A 356 13.98 -26.07 9.33
N ILE A 357 13.05 -26.62 8.53
CA ILE A 357 12.32 -27.88 8.86
C ILE A 357 13.39 -28.96 9.14
N TYR A 358 14.01 -29.55 8.11
CA TYR A 358 14.78 -30.84 8.19
C TYR A 358 16.29 -30.60 8.39
N SER A 359 16.67 -29.62 9.22
CA SER A 359 18.06 -29.15 9.41
C SER A 359 18.63 -28.63 8.08
N ALA A 369 21.30 -14.67 8.58
CA ALA A 369 19.95 -14.27 8.12
C ALA A 369 19.25 -13.45 9.22
N MET A 370 18.82 -12.24 8.86
CA MET A 370 18.11 -11.29 9.75
C MET A 370 16.64 -11.71 9.85
N SER A 371 16.19 -12.20 11.01
CA SER A 371 14.76 -12.43 11.33
C SER A 371 14.04 -11.10 11.65
N THR A 372 12.71 -11.08 11.64
CA THR A 372 11.91 -9.90 11.99
C THR A 372 12.22 -9.55 13.45
N ARG A 373 12.33 -10.57 14.28
CA ARG A 373 12.58 -10.41 15.72
C ARG A 373 13.94 -9.73 15.90
N ASP A 374 14.97 -10.15 15.15
CA ASP A 374 16.34 -9.57 15.29
C ASP A 374 16.29 -8.09 14.89
N LEU A 375 15.61 -7.76 13.80
CA LEU A 375 15.56 -6.38 13.27
C LEU A 375 14.77 -5.50 14.24
N VAL A 376 13.64 -5.98 14.73
CA VAL A 376 12.79 -5.24 15.71
C VAL A 376 13.65 -4.94 16.95
N ASP A 377 14.44 -5.91 17.42
CA ASP A 377 15.33 -5.74 18.62
C ASP A 377 16.44 -4.71 18.33
N LEU A 378 17.08 -4.78 17.16
CA LEU A 378 18.11 -3.78 16.77
C LEU A 378 17.47 -2.38 16.75
N ILE A 379 16.23 -2.22 16.31
CA ILE A 379 15.61 -0.86 16.18
C ILE A 379 15.29 -0.35 17.59
N LYS A 380 14.64 -1.18 18.44
CA LYS A 380 14.27 -0.81 19.84
C LYS A 380 15.53 -0.52 20.68
N GLN A 381 16.65 -1.19 20.43
CA GLN A 381 17.90 -1.02 21.20
C GLN A 381 18.39 0.43 21.13
N VAL A 382 18.13 1.15 20.04
CA VAL A 382 18.53 2.58 19.89
C VAL A 382 17.31 3.49 20.02
N LYS A 383 16.26 2.99 20.69
CA LYS A 383 15.12 3.79 21.21
C LYS A 383 14.19 4.22 20.08
N ARG A 384 14.06 3.39 19.05
CA ARG A 384 13.22 3.76 17.88
C ARG A 384 12.00 2.84 17.82
N LYS A 385 11.02 3.23 17.00
CA LYS A 385 9.70 2.56 16.82
C LYS A 385 9.77 1.71 15.54
N PRO A 386 9.89 0.38 15.61
CA PRO A 386 10.02 -0.43 14.41
C PRO A 386 8.64 -0.55 13.76
N ILE A 387 8.48 0.06 12.57
CA ILE A 387 7.23 -0.07 11.77
C ILE A 387 7.54 -0.96 10.58
N GLU A 388 6.95 -2.17 10.56
CA GLU A 388 6.87 -2.96 9.30
C GLU A 388 5.84 -2.27 8.41
N ARG A 389 6.28 -1.84 7.22
CA ARG A 389 5.50 -0.95 6.32
C ARG A 389 5.13 -1.66 5.01
N ASP A 390 4.09 -1.14 4.37
CA ASP A 390 3.54 -1.63 3.09
C ASP A 390 4.06 -0.69 1.99
N THR A 391 3.54 -0.87 0.77
CA THR A 391 4.01 -0.14 -0.43
C THR A 391 3.76 1.37 -0.25
N LEU A 392 2.74 1.76 0.53
CA LEU A 392 2.35 3.19 0.74
C LEU A 392 3.05 3.73 1.99
N TYR A 393 3.98 2.97 2.58
CA TYR A 393 4.69 3.34 3.82
C TYR A 393 3.69 3.50 4.98
N ASN A 394 2.57 2.79 4.90
CA ASN A 394 1.60 2.67 6.02
C ASN A 394 1.95 1.43 6.84
N VAL A 395 1.48 1.36 8.09
CA VAL A 395 1.87 0.26 9.01
C VAL A 395 1.22 -1.06 8.59
N VAL A 396 2.01 -2.13 8.58
CA VAL A 396 1.48 -3.52 8.62
C VAL A 396 1.42 -3.93 10.11
N THR A 397 2.57 -3.82 10.80
CA THR A 397 2.67 -4.03 12.26
C THR A 397 3.59 -2.95 12.84
N ASP A 398 3.08 -2.27 13.86
CA ASP A 398 3.83 -1.36 14.76
C ASP A 398 4.36 -2.19 15.94
N TYR A 399 5.59 -2.66 15.86
CA TYR A 399 6.21 -3.56 16.87
C TYR A 399 6.53 -2.80 18.16
N SER A 400 6.27 -1.49 18.26
CA SER A 400 6.40 -0.75 19.55
C SER A 400 5.20 -1.08 20.47
N GLN A 401 4.10 -1.60 19.92
CA GLN A 401 2.89 -1.97 20.72
C GLN A 401 2.80 -3.49 20.92
N VAL A 402 3.87 -4.26 20.61
CA VAL A 402 3.87 -5.76 20.59
C VAL A 402 4.65 -6.28 21.79
N GLY B 14 -35.57 -40.45 6.76
CA GLY B 14 -34.52 -40.54 5.68
C GLY B 14 -33.29 -39.74 6.12
N THR B 15 -32.11 -40.25 5.76
CA THR B 15 -30.79 -39.61 6.03
C THR B 15 -30.25 -38.96 4.74
N GLU B 16 -31.07 -38.84 3.69
CA GLU B 16 -30.69 -38.28 2.34
C GLU B 16 -30.15 -36.85 2.49
N ASN B 17 -30.87 -36.00 3.21
CA ASN B 17 -30.49 -34.58 3.49
C ASN B 17 -29.22 -34.56 4.33
N LEU B 18 -29.17 -35.36 5.39
CA LEU B 18 -27.99 -35.47 6.30
C LEU B 18 -26.76 -35.83 5.46
N TYR B 19 -26.91 -36.75 4.50
CA TYR B 19 -25.81 -37.24 3.62
C TYR B 19 -25.29 -36.09 2.75
N PHE B 20 -26.18 -35.43 2.00
CA PHE B 20 -25.82 -34.27 1.14
C PHE B 20 -25.10 -33.21 2.01
N GLN B 21 -25.65 -32.89 3.18
CA GLN B 21 -25.14 -31.88 4.13
C GLN B 21 -23.72 -32.24 4.58
N SER B 22 -23.35 -33.53 4.55
CA SER B 22 -22.09 -34.09 5.11
C SER B 22 -20.96 -34.07 4.07
N MET B 23 -21.31 -33.86 2.79
CA MET B 23 -20.39 -33.99 1.63
C MET B 23 -19.42 -32.81 1.66
N ASP B 24 -18.22 -33.00 1.11
CA ASP B 24 -17.26 -31.89 0.91
C ASP B 24 -17.82 -30.95 -0.18
N THR B 25 -17.29 -29.72 -0.19
CA THR B 25 -17.65 -28.62 -1.11
C THR B 25 -17.63 -29.10 -2.56
N THR B 26 -16.54 -29.75 -2.99
CA THR B 26 -16.37 -30.24 -4.38
C THR B 26 -17.44 -31.29 -4.70
N SER B 27 -17.69 -32.23 -3.76
CA SER B 27 -18.66 -33.33 -3.97
C SER B 27 -20.07 -32.76 -4.08
N LYS B 28 -20.43 -31.74 -3.30
CA LYS B 28 -21.80 -31.16 -3.32
C LYS B 28 -22.11 -30.56 -4.70
N LEU B 29 -21.15 -29.87 -5.31
CA LEU B 29 -21.32 -29.27 -6.66
C LEU B 29 -21.47 -30.41 -7.67
N ALA B 30 -20.65 -31.45 -7.58
CA ALA B 30 -20.71 -32.64 -8.47
C ALA B 30 -22.10 -33.28 -8.33
N LEU B 31 -22.60 -33.38 -7.10
CA LEU B 31 -23.88 -34.09 -6.84
C LEU B 31 -25.04 -33.30 -7.47
N ILE B 32 -25.06 -31.98 -7.32
CA ILE B 32 -26.05 -31.09 -7.95
C ILE B 32 -25.98 -31.24 -9.49
N LEU B 33 -24.80 -31.38 -10.06
CA LEU B 33 -24.63 -31.42 -11.54
C LEU B 33 -25.15 -32.75 -12.11
N ALA B 34 -25.17 -33.80 -11.30
CA ALA B 34 -25.59 -35.18 -11.66
C ALA B 34 -27.08 -35.38 -11.34
N ASP B 35 -27.74 -34.39 -10.73
CA ASP B 35 -29.15 -34.49 -10.28
C ASP B 35 -30.10 -34.44 -11.50
N ALA B 36 -30.75 -35.55 -11.83
CA ALA B 36 -31.50 -35.79 -13.09
C ALA B 36 -32.58 -34.72 -13.31
N ASP B 37 -33.25 -34.30 -12.23
CA ASP B 37 -34.51 -33.52 -12.25
C ASP B 37 -34.27 -32.04 -11.88
N LEU B 38 -33.01 -31.63 -11.72
CA LEU B 38 -32.67 -30.19 -11.52
C LEU B 38 -32.86 -29.49 -12.85
N PRO B 39 -33.52 -28.32 -12.89
CA PRO B 39 -33.68 -27.57 -14.14
C PRO B 39 -32.37 -27.39 -14.92
N ALA B 40 -32.43 -27.41 -16.25
CA ALA B 40 -31.25 -27.29 -17.12
C ALA B 40 -30.57 -25.96 -16.84
N ALA B 41 -31.36 -24.93 -16.55
CA ALA B 41 -30.86 -23.55 -16.41
C ALA B 41 -29.92 -23.53 -15.20
N LEU B 42 -30.30 -24.18 -14.08
CA LEU B 42 -29.53 -24.23 -12.81
C LEU B 42 -28.29 -25.10 -13.00
N LYS B 43 -28.41 -26.11 -13.84
CA LYS B 43 -27.32 -27.03 -14.27
C LYS B 43 -26.22 -26.25 -15.02
N ALA B 44 -26.59 -25.50 -16.06
CA ALA B 44 -25.66 -24.68 -16.89
C ALA B 44 -24.96 -23.63 -16.03
N ILE B 45 -25.64 -23.06 -15.04
CA ILE B 45 -25.03 -22.06 -14.13
C ILE B 45 -24.04 -22.80 -13.21
N ALA B 46 -24.44 -23.94 -12.67
CA ALA B 46 -23.57 -24.76 -11.80
C ALA B 46 -22.33 -25.18 -12.58
N LEU B 47 -22.50 -25.58 -13.84
CA LEU B 47 -21.35 -26.04 -14.67
C LEU B 47 -20.39 -24.86 -14.87
N LYS B 48 -20.89 -23.65 -15.13
CA LYS B 48 -20.01 -22.45 -15.28
C LYS B 48 -19.19 -22.19 -14.01
N VAL B 49 -19.84 -22.30 -12.83
CA VAL B 49 -19.20 -22.10 -11.51
C VAL B 49 -18.07 -23.13 -11.37
N GLN B 50 -18.35 -24.40 -11.70
CA GLN B 50 -17.34 -25.49 -11.65
C GLN B 50 -16.12 -25.09 -12.50
N ASN B 51 -16.33 -24.38 -13.61
CA ASN B 51 -15.31 -24.06 -14.64
C ASN B 51 -14.82 -22.62 -14.46
N GLN B 52 -15.16 -21.94 -13.36
CA GLN B 52 -14.70 -20.56 -13.08
C GLN B 52 -15.12 -19.61 -14.22
N GLU B 53 -16.31 -19.84 -14.78
CA GLU B 53 -16.84 -19.04 -15.91
C GLU B 53 -17.89 -18.03 -15.40
N ARG B 54 -18.05 -16.94 -16.13
CA ARG B 54 -18.84 -15.74 -15.72
C ARG B 54 -20.32 -16.00 -16.01
N ILE B 55 -21.20 -15.68 -15.09
CA ILE B 55 -22.65 -15.82 -15.36
C ILE B 55 -23.17 -14.49 -15.92
N THR B 56 -24.15 -14.58 -16.82
CA THR B 56 -24.72 -13.41 -17.53
C THR B 56 -25.70 -12.69 -16.59
N PHE B 57 -26.06 -11.47 -16.96
CA PHE B 57 -27.18 -10.70 -16.37
C PHE B 57 -28.45 -11.58 -16.26
N ASP B 58 -28.87 -12.29 -17.32
CA ASP B 58 -30.14 -13.08 -17.29
C ASP B 58 -30.00 -14.26 -16.30
N GLU B 59 -28.79 -14.83 -16.20
CA GLU B 59 -28.52 -15.94 -15.26
C GLU B 59 -28.57 -15.41 -13.81
N GLY B 60 -28.08 -14.19 -13.56
CA GLY B 60 -28.20 -13.54 -12.25
C GLY B 60 -29.65 -13.32 -11.85
N VAL B 61 -30.46 -12.79 -12.77
CA VAL B 61 -31.90 -12.56 -12.49
C VAL B 61 -32.53 -13.92 -12.24
N TYR B 62 -32.20 -14.92 -13.05
CA TYR B 62 -32.74 -16.30 -12.92
C TYR B 62 -32.42 -16.85 -11.52
N LEU B 63 -31.20 -16.67 -11.00
CA LEU B 63 -30.87 -17.19 -9.64
C LEU B 63 -31.76 -16.51 -8.59
N TYR B 64 -31.85 -15.18 -8.62
CA TYR B 64 -32.67 -14.40 -7.65
C TYR B 64 -34.12 -14.91 -7.68
N GLU B 65 -34.67 -15.08 -8.87
CA GLU B 65 -36.12 -15.38 -9.05
C GLU B 65 -36.41 -16.86 -8.78
N ASN B 66 -35.45 -17.77 -8.95
CA ASN B 66 -35.72 -19.23 -8.98
C ASN B 66 -34.90 -20.05 -7.96
N ALA B 67 -33.67 -19.65 -7.59
CA ALA B 67 -32.71 -20.57 -6.94
C ALA B 67 -32.98 -20.65 -5.44
N GLU B 68 -32.95 -21.88 -4.92
CA GLU B 68 -33.12 -22.25 -3.49
C GLU B 68 -31.82 -21.93 -2.73
N LEU B 69 -31.90 -21.61 -1.44
CA LEU B 69 -30.75 -21.35 -0.53
C LEU B 69 -29.73 -22.51 -0.57
N GLY B 70 -30.15 -23.77 -0.46
CA GLY B 70 -29.22 -24.91 -0.48
C GLY B 70 -28.32 -24.87 -1.72
N TYR B 71 -28.92 -24.78 -2.91
CA TYR B 71 -28.19 -24.76 -4.20
C TYR B 71 -27.21 -23.57 -4.22
N LEU B 72 -27.66 -22.40 -3.80
CA LEU B 72 -26.84 -21.17 -3.89
C LEU B 72 -25.62 -21.30 -2.97
N GLY B 73 -25.77 -21.98 -1.85
CA GLY B 73 -24.68 -22.19 -0.90
C GLY B 73 -23.63 -23.10 -1.49
N VAL B 74 -24.05 -24.15 -2.18
CA VAL B 74 -23.10 -25.09 -2.86
C VAL B 74 -22.24 -24.27 -3.82
N LEU B 75 -22.86 -23.44 -4.67
CA LEU B 75 -22.12 -22.67 -5.69
C LEU B 75 -21.24 -21.63 -4.98
N ALA B 76 -21.80 -20.89 -4.04
CA ALA B 76 -21.12 -19.70 -3.48
C ALA B 76 -19.94 -20.17 -2.64
N ASN B 77 -20.12 -21.26 -1.92
CA ASN B 77 -19.11 -21.74 -0.97
C ASN B 77 -17.98 -22.43 -1.74
N TYR B 78 -18.31 -23.06 -2.88
CA TYR B 78 -17.29 -23.65 -3.80
C TYR B 78 -16.35 -22.54 -4.26
N ILE B 79 -16.90 -21.39 -4.68
CA ILE B 79 -16.10 -20.21 -5.12
C ILE B 79 -15.26 -19.65 -3.96
N ARG B 80 -15.90 -19.46 -2.80
CA ARG B 80 -15.26 -18.81 -1.62
C ARG B 80 -14.06 -19.66 -1.17
N GLU B 81 -14.24 -20.98 -1.10
CA GLU B 81 -13.18 -21.92 -0.63
C GLU B 81 -12.09 -22.02 -1.70
N GLN B 82 -12.46 -22.04 -2.96
CA GLN B 82 -11.50 -22.06 -4.10
C GLN B 82 -10.62 -20.81 -4.00
N LYS B 83 -11.20 -19.66 -3.68
CA LYS B 83 -10.44 -18.39 -3.63
C LYS B 83 -9.67 -18.28 -2.31
N HIS B 84 -10.26 -18.69 -1.20
CA HIS B 84 -9.84 -18.24 0.14
C HIS B 84 -9.65 -19.39 1.11
N GLY B 85 -9.90 -20.63 0.71
CA GLY B 85 -10.00 -21.75 1.66
C GLY B 85 -10.95 -21.36 2.81
N ASP B 86 -10.49 -21.53 4.04
CA ASP B 86 -11.26 -21.24 5.27
C ASP B 86 -10.92 -19.81 5.74
N ASN B 87 -9.97 -19.16 5.08
CA ASN B 87 -9.48 -17.83 5.52
C ASN B 87 -10.67 -16.88 5.64
N THR B 88 -10.79 -16.22 6.78
CA THR B 88 -11.81 -15.19 7.08
C THR B 88 -11.03 -13.97 7.55
N TYR B 89 -11.04 -12.89 6.78
CA TYR B 89 -10.11 -11.77 7.02
C TYR B 89 -10.78 -10.67 7.84
N PHE B 90 -10.01 -10.03 8.69
CA PHE B 90 -10.42 -8.83 9.44
C PHE B 90 -9.17 -7.99 9.71
N ASN B 91 -9.33 -6.72 10.02
CA ASN B 91 -8.20 -5.83 10.40
C ASN B 91 -8.66 -4.94 11.55
N ARG B 92 -7.77 -4.06 11.97
CA ARG B 92 -7.99 -3.18 13.15
CA ARG B 92 -7.99 -3.18 13.15
C ARG B 92 -8.17 -1.74 12.67
N ASN B 93 -9.41 -1.28 12.57
CA ASN B 93 -9.70 0.10 12.10
C ASN B 93 -10.47 0.85 13.20
N PHE B 94 -10.60 2.17 12.99
CA PHE B 94 -11.48 3.08 13.75
C PHE B 94 -12.09 4.07 12.76
N HIS B 95 -13.22 4.67 13.15
CA HIS B 95 -14.06 5.53 12.28
C HIS B 95 -14.01 6.96 12.82
N ILE B 96 -13.87 7.98 11.96
CA ILE B 96 -14.13 9.39 12.32
C ILE B 96 -15.28 9.86 11.43
N GLU B 97 -16.32 10.40 12.06
CA GLU B 97 -17.53 10.94 11.38
C GLU B 97 -17.42 12.45 11.38
N PRO B 98 -16.96 13.10 10.27
CA PRO B 98 -16.80 14.55 10.26
C PRO B 98 -18.10 15.29 10.62
N THR B 99 -19.25 14.80 10.18
CA THR B 99 -20.55 15.42 10.49
C THR B 99 -21.67 14.39 10.43
N ASN B 100 -22.70 14.60 11.25
CA ASN B 100 -23.88 13.68 11.32
C ASN B 100 -25.13 14.39 10.80
N VAL B 101 -24.93 15.40 9.96
CA VAL B 101 -26.02 16.11 9.24
C VAL B 101 -25.55 16.20 7.81
N CYS B 102 -26.45 16.52 6.89
CA CYS B 102 -26.18 16.38 5.45
C CYS B 102 -27.11 17.28 4.65
N VAL B 103 -26.64 17.78 3.51
CA VAL B 103 -27.44 18.63 2.60
C VAL B 103 -28.36 17.76 1.73
N TYR B 104 -28.07 16.45 1.61
CA TYR B 104 -28.77 15.54 0.67
C TYR B 104 -29.98 14.89 1.34
N ASP B 105 -30.82 14.22 0.55
CA ASP B 105 -32.08 13.61 1.03
C ASP B 105 -32.17 12.15 0.61
N CYS B 106 -31.36 11.28 1.21
CA CYS B 106 -31.49 9.82 0.97
C CYS B 106 -32.63 9.29 1.84
N LYS B 107 -33.59 8.59 1.23
CA LYS B 107 -34.83 8.16 1.94
C LYS B 107 -34.52 7.08 3.00
N PHE B 108 -33.37 6.41 2.94
CA PHE B 108 -32.99 5.31 3.87
C PHE B 108 -32.08 5.84 4.99
N CYS B 109 -31.71 7.12 4.96
CA CYS B 109 -30.62 7.66 5.83
C CYS B 109 -31.16 8.56 6.95
N SER B 110 -30.68 8.33 8.18
CA SER B 110 -31.04 9.09 9.40
C SER B 110 -30.53 10.54 9.32
N TYR B 111 -29.61 10.83 8.40
CA TYR B 111 -28.97 12.15 8.26
C TYR B 111 -29.60 12.96 7.11
N SER B 112 -30.67 12.46 6.47
CA SER B 112 -31.35 13.23 5.40
C SER B 112 -31.72 14.60 5.96
N ARG B 113 -31.55 15.66 5.16
CA ARG B 113 -31.93 17.04 5.54
C ARG B 113 -33.47 17.10 5.76
N LEU B 114 -34.24 16.12 5.31
CA LEU B 114 -35.73 16.17 5.51
C LEU B 114 -36.11 15.69 6.91
N ILE B 115 -35.29 14.88 7.58
CA ILE B 115 -35.66 14.36 8.93
C ILE B 115 -34.70 14.90 10.00
N LYS B 116 -33.60 15.53 9.61
CA LYS B 116 -32.59 16.02 10.58
C LYS B 116 -32.04 17.37 10.14
N GLN B 117 -32.33 18.42 10.91
CA GLN B 117 -31.87 19.81 10.66
C GLN B 117 -30.45 19.95 11.20
N LYS B 118 -29.71 20.90 10.63
CA LYS B 118 -28.29 21.25 10.93
C LYS B 118 -28.07 21.32 12.44
N GLU B 119 -29.01 21.93 13.19
CA GLU B 119 -28.83 22.33 14.61
C GLU B 119 -29.13 21.13 15.52
N GLU B 120 -29.64 20.02 14.98
CA GLU B 120 -29.85 18.74 15.71
C GLU B 120 -28.56 17.89 15.70
N GLY B 121 -27.54 18.32 14.96
CA GLY B 121 -26.26 17.59 14.85
C GLY B 121 -25.08 18.51 14.98
N TRP B 122 -23.92 18.07 14.50
CA TRP B 122 -22.62 18.76 14.65
C TRP B 122 -21.83 18.56 13.37
N GLU B 123 -20.90 19.50 13.13
CA GLU B 123 -19.81 19.45 12.13
C GLU B 123 -18.50 19.61 12.91
N MET B 124 -17.62 18.62 12.85
CA MET B 124 -16.28 18.74 13.44
C MET B 124 -15.46 19.74 12.62
N SER B 125 -14.65 20.56 13.31
CA SER B 125 -13.50 21.30 12.74
C SER B 125 -12.37 20.30 12.43
N VAL B 126 -11.34 20.74 11.71
CA VAL B 126 -10.12 19.93 11.49
C VAL B 126 -9.50 19.65 12.87
N ASP B 127 -9.41 20.65 13.74
CA ASP B 127 -8.84 20.48 15.11
C ASP B 127 -9.60 19.35 15.82
N GLY B 128 -10.93 19.38 15.75
CA GLY B 128 -11.79 18.36 16.37
C GLY B 128 -11.54 16.97 15.81
N MET B 129 -11.41 16.86 14.49
CA MET B 129 -11.12 15.54 13.87
C MET B 129 -9.75 15.09 14.38
N MET B 130 -8.78 16.00 14.49
CA MET B 130 -7.41 15.64 14.96
C MET B 130 -7.43 15.22 16.43
N GLU B 131 -8.32 15.80 17.26
CA GLU B 131 -8.46 15.41 18.68
C GLU B 131 -8.96 13.96 18.74
N VAL B 132 -9.95 13.63 17.92
CA VAL B 132 -10.50 12.25 17.83
C VAL B 132 -9.37 11.30 17.42
N LEU B 133 -8.66 11.62 16.33
CA LEU B 133 -7.57 10.77 15.79
C LEU B 133 -6.53 10.51 16.91
N LYS B 134 -6.19 11.52 17.72
CA LYS B 134 -5.10 11.41 18.75
C LYS B 134 -5.48 10.43 19.87
N LYS B 135 -6.78 10.25 20.15
CA LYS B 135 -7.30 9.26 21.14
C LYS B 135 -6.84 7.82 20.77
N TYR B 136 -6.41 7.57 19.52
CA TYR B 136 -6.02 6.21 19.05
C TYR B 136 -4.50 6.10 18.93
N ASP B 137 -3.79 7.12 19.40
CA ASP B 137 -2.30 7.19 19.28
C ASP B 137 -1.69 5.91 19.87
N HIS B 138 -2.19 5.39 20.97
CA HIS B 138 -1.55 4.21 21.62
C HIS B 138 -2.38 2.97 21.38
N GLU B 139 -3.13 2.96 20.27
CA GLU B 139 -3.92 1.80 19.81
C GLU B 139 -3.22 1.17 18.59
N PRO B 140 -3.32 -0.17 18.44
CA PRO B 140 -2.73 -0.87 17.30
C PRO B 140 -3.60 -0.84 16.03
N VAL B 141 -4.35 0.24 15.85
CA VAL B 141 -5.14 0.50 14.61
C VAL B 141 -4.15 0.74 13.46
N THR B 142 -4.46 0.27 12.26
CA THR B 142 -3.57 0.39 11.08
C THR B 142 -4.20 1.37 10.08
N GLU B 143 -5.51 1.57 10.15
CA GLU B 143 -6.21 2.51 9.24
C GLU B 143 -7.38 3.18 9.93
N VAL B 144 -7.66 4.40 9.50
CA VAL B 144 -8.86 5.16 9.91
C VAL B 144 -9.81 5.19 8.71
N HIS B 145 -11.10 5.00 8.99
CA HIS B 145 -12.22 5.09 8.02
C HIS B 145 -12.95 6.41 8.28
N ILE B 146 -13.16 7.22 7.25
CA ILE B 146 -13.82 8.54 7.42
C ILE B 146 -15.01 8.60 6.47
N THR B 147 -16.21 8.71 7.04
CA THR B 147 -17.46 8.92 6.30
C THR B 147 -18.45 9.63 7.21
N GLY B 148 -19.43 10.27 6.59
CA GLY B 148 -20.41 11.12 7.26
C GLY B 148 -21.23 11.85 6.22
N GLY B 149 -21.97 12.84 6.67
CA GLY B 149 -22.74 13.72 5.79
C GLY B 149 -21.87 14.65 4.96
N VAL B 150 -22.52 15.31 4.01
CA VAL B 150 -21.97 16.38 3.14
C VAL B 150 -22.50 17.74 3.63
N VAL B 151 -21.60 18.67 3.99
CA VAL B 151 -21.93 20.05 4.45
C VAL B 151 -20.98 21.01 3.75
N PRO B 152 -21.43 22.24 3.40
CA PRO B 152 -20.59 23.18 2.64
C PRO B 152 -19.27 23.56 3.35
N LYS B 153 -19.22 23.55 4.67
CA LYS B 153 -18.02 24.00 5.41
C LYS B 153 -16.92 22.95 5.19
N GLN B 154 -17.31 21.70 5.03
CA GLN B 154 -16.34 20.57 4.97
C GLN B 154 -16.00 20.39 3.49
N ASN B 155 -15.19 21.32 2.97
CA ASN B 155 -14.91 21.51 1.53
C ASN B 155 -13.54 20.91 1.23
N LEU B 156 -12.95 21.24 0.08
CA LEU B 156 -11.69 20.68 -0.43
C LEU B 156 -10.54 21.00 0.52
N GLU B 157 -10.46 22.26 0.93
CA GLU B 157 -9.41 22.80 1.83
C GLU B 157 -9.55 22.13 3.22
N PHE B 158 -10.78 21.93 3.69
CA PHE B 158 -11.06 21.23 4.99
C PHE B 158 -10.41 19.83 4.96
N TYR B 159 -10.73 19.01 3.96
CA TYR B 159 -10.27 17.60 3.92
C TYR B 159 -8.77 17.52 3.62
N SER B 160 -8.25 18.38 2.75
CA SER B 160 -6.80 18.38 2.46
C SER B 160 -6.03 18.82 3.72
N ASP B 161 -6.49 19.86 4.42
CA ASP B 161 -5.88 20.26 5.72
C ASP B 161 -5.89 19.05 6.66
N PHE B 162 -7.02 18.35 6.79
CA PHE B 162 -7.13 17.19 7.72
C PHE B 162 -6.13 16.10 7.30
N PHE B 163 -6.15 15.69 6.04
CA PHE B 163 -5.29 14.58 5.53
C PHE B 163 -3.82 14.94 5.81
N ARG B 164 -3.43 16.20 5.56
CA ARG B 164 -2.02 16.64 5.74
C ARG B 164 -1.65 16.55 7.23
N ARG B 165 -2.53 17.03 8.11
CA ARG B 165 -2.27 17.02 9.58
C ARG B 165 -2.29 15.57 10.10
N ALA B 166 -3.20 14.74 9.61
CA ALA B 166 -3.25 13.31 9.99
C ALA B 166 -1.89 12.70 9.67
N LYS B 167 -1.40 12.88 8.45
CA LYS B 167 -0.14 12.26 7.96
C LYS B 167 1.09 12.87 8.67
N ALA B 168 1.07 14.17 9.01
CA ALA B 168 2.19 14.83 9.74
C ALA B 168 2.27 14.24 11.16
N HIS B 169 1.13 14.02 11.80
CA HIS B 169 1.06 13.51 13.19
C HIS B 169 1.32 11.98 13.23
N ARG B 170 0.74 11.19 12.34
CA ARG B 170 0.87 9.71 12.36
C ARG B 170 1.03 9.21 10.93
N PRO B 171 2.24 9.34 10.36
CA PRO B 171 2.50 9.02 8.96
C PRO B 171 2.13 7.59 8.54
N GLU B 172 2.25 6.64 9.44
CA GLU B 172 2.04 5.19 9.13
C GLU B 172 0.55 4.86 9.15
N LEU B 173 -0.32 5.77 9.60
CA LEU B 173 -1.78 5.50 9.67
C LEU B 173 -2.37 5.65 8.26
N HIS B 174 -2.91 4.56 7.71
CA HIS B 174 -3.62 4.50 6.41
C HIS B 174 -4.96 5.27 6.52
N ILE B 175 -5.21 6.20 5.60
CA ILE B 175 -6.48 6.99 5.56
C ILE B 175 -7.35 6.43 4.43
N LYS B 176 -8.49 5.89 4.83
CA LYS B 176 -9.52 5.35 3.91
C LYS B 176 -10.73 6.25 4.07
N ALA B 177 -10.90 7.24 3.18
CA ALA B 177 -11.77 8.40 3.46
C ALA B 177 -12.69 8.75 2.29
N LEU B 178 -13.97 8.93 2.61
CA LEU B 178 -15.04 9.61 1.82
C LEU B 178 -15.42 8.78 0.60
N THR B 179 -16.56 9.08 0.02
CA THR B 179 -17.12 8.37 -1.15
C THR B 179 -17.20 9.33 -2.32
N PRO B 180 -17.54 8.85 -3.53
CA PRO B 180 -17.83 9.76 -4.65
C PRO B 180 -18.94 10.79 -4.35
N VAL B 181 -19.84 10.51 -3.41
CA VAL B 181 -20.92 11.46 -3.02
C VAL B 181 -20.26 12.75 -2.50
N GLU B 182 -19.34 12.59 -1.57
CA GLU B 182 -18.54 13.69 -0.99
C GLU B 182 -17.59 14.28 -2.03
N TYR B 183 -16.85 13.46 -2.78
CA TYR B 183 -15.81 13.99 -3.71
C TYR B 183 -16.49 14.74 -4.87
N TYR B 184 -17.60 14.22 -5.40
CA TYR B 184 -18.36 14.89 -6.49
C TYR B 184 -18.68 16.33 -6.05
N TYR B 185 -19.25 16.46 -4.84
CA TYR B 185 -19.70 17.74 -4.24
C TYR B 185 -18.52 18.68 -4.15
N ILE B 186 -17.42 18.28 -3.49
CA ILE B 186 -16.28 19.21 -3.22
C ILE B 186 -15.50 19.49 -4.51
N PHE B 187 -15.33 18.50 -5.40
CA PHE B 187 -14.69 18.74 -6.72
C PHE B 187 -15.53 19.70 -7.58
N LYS B 188 -16.86 19.60 -7.58
CA LYS B 188 -17.72 20.50 -8.38
C LYS B 188 -17.55 21.95 -7.89
N LYS B 189 -17.53 22.16 -6.57
CA LYS B 189 -17.38 23.49 -5.92
C LYS B 189 -15.95 24.03 -6.13
N ALA B 190 -14.92 23.19 -6.02
CA ALA B 190 -13.51 23.56 -6.24
C ALA B 190 -13.18 23.71 -7.75
N LYS B 191 -14.09 23.33 -8.66
CA LYS B 191 -13.87 23.32 -10.14
C LYS B 191 -12.60 22.55 -10.48
N LEU B 192 -12.53 21.32 -9.98
CA LEU B 192 -11.49 20.33 -10.25
C LEU B 192 -12.11 19.19 -11.05
N SER B 193 -11.40 18.68 -12.05
CA SER B 193 -11.75 17.40 -12.71
C SER B 193 -11.69 16.28 -11.66
N HIS B 194 -12.44 15.22 -11.87
CA HIS B 194 -12.44 14.07 -10.95
C HIS B 194 -11.00 13.56 -10.79
N TYR B 195 -10.27 13.42 -11.88
CA TYR B 195 -8.88 12.94 -11.85
C TYR B 195 -8.01 13.86 -10.97
N ASP B 196 -8.04 15.16 -11.24
CA ASP B 196 -7.18 16.17 -10.57
C ASP B 196 -7.62 16.28 -9.11
N GLY B 197 -8.92 16.21 -8.85
CA GLY B 197 -9.40 16.18 -7.45
C GLY B 197 -8.82 14.98 -6.74
N MET B 198 -8.94 13.78 -7.31
CA MET B 198 -8.50 12.55 -6.62
C MET B 198 -6.97 12.59 -6.44
N LYS B 199 -6.25 13.11 -7.44
CA LYS B 199 -4.77 13.26 -7.38
C LYS B 199 -4.37 14.26 -6.29
N TYR B 200 -5.09 15.37 -6.17
CA TYR B 200 -4.87 16.37 -5.10
C TYR B 200 -5.05 15.71 -3.72
N MET B 201 -6.12 14.94 -3.55
CA MET B 201 -6.44 14.33 -2.22
C MET B 201 -5.41 13.23 -1.89
N GLN B 202 -4.97 12.45 -2.89
CA GLN B 202 -3.92 11.39 -2.71
C GLN B 202 -2.63 12.04 -2.21
N GLU B 203 -2.21 13.11 -2.88
CA GLU B 203 -0.99 13.88 -2.55
C GLU B 203 -1.16 14.46 -1.15
N ALA B 204 -2.35 14.92 -0.77
CA ALA B 204 -2.65 15.41 0.61
C ALA B 204 -2.50 14.30 1.65
N GLY B 205 -2.78 13.04 1.31
CA GLY B 205 -2.63 11.89 2.24
C GLY B 205 -3.73 10.84 2.18
N LEU B 206 -4.69 10.95 1.26
CA LEU B 206 -5.70 9.89 1.05
C LEU B 206 -5.01 8.64 0.52
N ASP B 207 -5.27 7.48 1.14
CA ASP B 207 -4.66 6.18 0.74
C ASP B 207 -5.62 5.33 -0.10
N SER B 208 -6.88 5.23 0.31
CA SER B 208 -7.93 4.39 -0.31
C SER B 208 -9.28 5.04 -0.04
N MET B 209 -10.32 4.45 -0.59
CA MET B 209 -11.69 4.98 -0.54
C MET B 209 -12.66 3.88 -0.07
N PRO B 210 -13.54 4.14 0.89
CA PRO B 210 -14.62 3.20 1.20
C PRO B 210 -15.64 3.07 0.06
N GLY B 211 -16.53 2.10 0.20
CA GLY B 211 -17.45 1.66 -0.88
C GLY B 211 -18.79 2.36 -0.85
N GLY B 212 -19.04 3.29 0.07
CA GLY B 212 -20.38 3.87 0.27
C GLY B 212 -20.86 4.68 -0.93
N GLY B 213 -22.16 5.00 -0.93
CA GLY B 213 -22.78 5.97 -1.86
C GLY B 213 -23.32 5.30 -3.11
N ALA B 214 -23.09 3.99 -3.26
CA ALA B 214 -23.54 3.23 -4.45
C ALA B 214 -25.06 3.06 -4.40
N GLU B 215 -25.63 2.81 -3.22
CA GLU B 215 -27.08 2.51 -3.04
C GLU B 215 -27.52 1.49 -4.10
N ILE B 216 -28.53 1.79 -4.90
CA ILE B 216 -28.80 1.13 -6.22
C ILE B 216 -28.49 2.14 -7.32
N PHE B 217 -27.81 1.70 -8.39
CA PHE B 217 -27.44 2.59 -9.52
C PHE B 217 -28.68 2.92 -10.38
N HIS B 218 -29.57 1.95 -10.65
CA HIS B 218 -30.59 2.16 -11.73
C HIS B 218 -31.47 3.35 -11.38
N PRO B 219 -31.64 4.34 -12.32
CA PRO B 219 -32.44 5.55 -12.05
C PRO B 219 -33.83 5.23 -11.49
N GLU B 220 -34.42 4.10 -11.89
CA GLU B 220 -35.79 3.75 -11.48
C GLU B 220 -35.87 3.72 -9.95
N VAL B 221 -34.83 3.18 -9.31
CA VAL B 221 -34.74 3.09 -7.83
C VAL B 221 -34.02 4.33 -7.31
N ARG B 222 -32.90 4.74 -7.90
CA ARG B 222 -32.09 5.85 -7.34
C ARG B 222 -32.92 7.13 -7.27
N GLU B 223 -33.81 7.38 -8.24
CA GLU B 223 -34.66 8.59 -8.27
C GLU B 223 -35.59 8.63 -7.04
N LYS B 224 -35.93 7.48 -6.46
CA LYS B 224 -36.85 7.37 -5.30
C LYS B 224 -36.12 7.30 -3.96
N ILE B 225 -34.88 6.80 -3.87
CA ILE B 225 -34.20 6.60 -2.55
C ILE B 225 -33.06 7.59 -2.35
N ALA B 226 -32.41 8.13 -3.40
CA ALA B 226 -31.24 9.02 -3.27
C ALA B 226 -31.16 9.95 -4.48
N HIS B 227 -32.14 10.85 -4.58
CA HIS B 227 -32.46 11.51 -5.87
C HIS B 227 -31.46 12.62 -6.17
N ASP B 228 -30.87 13.25 -5.14
CA ASP B 228 -30.16 14.55 -5.32
C ASP B 228 -28.64 14.39 -5.27
N LYS B 229 -28.10 13.27 -4.74
CA LYS B 229 -26.61 13.11 -4.66
C LYS B 229 -26.13 12.55 -6.01
N CYS B 230 -24.83 12.30 -6.14
CA CYS B 230 -24.20 11.98 -7.43
C CYS B 230 -24.86 10.71 -7.96
N ASN B 231 -24.98 10.64 -9.28
CA ASN B 231 -25.61 9.51 -9.98
C ASN B 231 -24.59 8.35 -10.12
N ALA B 232 -25.02 7.27 -10.75
CA ALA B 232 -24.20 6.05 -10.97
C ALA B 232 -22.96 6.43 -11.80
N GLU B 233 -23.11 7.26 -12.83
CA GLU B 233 -22.01 7.56 -13.78
C GLU B 233 -20.92 8.28 -13.02
N GLN B 234 -21.32 9.22 -12.17
CA GLN B 234 -20.43 10.08 -11.36
C GLN B 234 -19.73 9.21 -10.33
N TRP B 235 -20.49 8.33 -9.69
CA TRP B 235 -19.94 7.38 -8.69
C TRP B 235 -18.87 6.49 -9.35
N LEU B 236 -19.19 5.83 -10.45
CA LEU B 236 -18.22 4.96 -11.17
C LEU B 236 -17.07 5.82 -11.68
N ASP B 237 -17.33 7.05 -12.15
CA ASP B 237 -16.25 7.89 -12.73
C ASP B 237 -15.17 8.16 -11.66
N ILE B 238 -15.59 8.50 -10.46
CA ILE B 238 -14.64 8.85 -9.37
C ILE B 238 -13.84 7.60 -8.99
N HIS B 239 -14.48 6.42 -8.94
CA HIS B 239 -13.75 5.15 -8.67
C HIS B 239 -12.76 4.89 -9.82
N GLU B 240 -13.16 5.10 -11.06
CA GLU B 240 -12.23 4.98 -12.22
C GLU B 240 -10.98 5.84 -11.99
N GLN B 241 -11.15 7.10 -11.58
CA GLN B 241 -9.98 8.02 -11.48
C GLN B 241 -9.07 7.54 -10.35
N ALA B 242 -9.62 7.22 -9.18
CA ALA B 242 -8.88 6.65 -8.01
C ALA B 242 -8.04 5.45 -8.47
N HIS B 243 -8.66 4.54 -9.22
CA HIS B 243 -7.97 3.36 -9.80
C HIS B 243 -6.82 3.80 -10.72
N LYS B 244 -7.01 4.81 -11.55
CA LYS B 244 -5.96 5.27 -12.50
C LYS B 244 -4.80 5.82 -11.67
N LEU B 245 -5.05 6.35 -10.47
CA LEU B 245 -4.00 6.84 -9.55
C LEU B 245 -3.44 5.70 -8.68
N GLY B 246 -3.85 4.47 -8.93
CA GLY B 246 -3.33 3.26 -8.27
C GLY B 246 -3.96 3.05 -6.90
N MET B 247 -5.06 3.75 -6.57
CA MET B 247 -5.76 3.55 -5.29
C MET B 247 -6.68 2.32 -5.35
N LYS B 248 -6.78 1.63 -4.21
CA LYS B 248 -7.76 0.57 -3.93
C LYS B 248 -9.05 1.19 -3.40
N THR B 249 -10.18 0.60 -3.76
CA THR B 249 -11.50 1.05 -3.27
C THR B 249 -12.40 -0.17 -3.11
N ASN B 250 -13.49 -0.02 -2.37
CA ASN B 250 -14.54 -1.05 -2.28
C ASN B 250 -15.77 -0.53 -3.02
N ALA B 251 -16.76 -1.41 -3.18
CA ALA B 251 -18.07 -1.08 -3.77
C ALA B 251 -19.14 -1.68 -2.86
N THR B 252 -20.25 -0.95 -2.69
CA THR B 252 -21.40 -1.39 -1.88
C THR B 252 -22.59 -1.54 -2.82
N MET B 253 -23.67 -2.14 -2.30
CA MET B 253 -25.01 -2.20 -2.92
C MET B 253 -26.02 -2.23 -1.77
N LEU B 254 -26.92 -1.24 -1.69
CA LEU B 254 -28.00 -1.26 -0.70
C LEU B 254 -29.15 -2.10 -1.26
N TYR B 255 -29.52 -3.20 -0.58
CA TYR B 255 -30.51 -4.18 -1.06
C TYR B 255 -31.56 -4.43 0.03
N GLY B 256 -32.68 -5.03 -0.40
CA GLY B 256 -33.73 -5.50 0.51
C GLY B 256 -34.62 -4.35 0.96
N HIS B 257 -34.92 -3.43 0.05
CA HIS B 257 -35.84 -2.29 0.31
C HIS B 257 -36.99 -2.33 -0.73
N ILE B 258 -37.01 -1.43 -1.71
CA ILE B 258 -38.10 -1.29 -2.73
C ILE B 258 -37.59 -1.70 -4.11
N GLU B 259 -36.34 -2.15 -4.21
CA GLU B 259 -35.72 -2.51 -5.52
C GLU B 259 -36.23 -3.88 -5.92
N GLN B 260 -36.25 -4.19 -7.20
CA GLN B 260 -36.47 -5.57 -7.68
C GLN B 260 -35.09 -6.26 -7.83
N PHE B 261 -35.09 -7.59 -7.84
CA PHE B 261 -33.87 -8.39 -8.10
C PHE B 261 -33.11 -7.88 -9.34
N TRP B 262 -33.79 -7.57 -10.45
CA TRP B 262 -33.03 -7.19 -11.69
C TRP B 262 -32.28 -5.88 -11.45
N HIS B 263 -32.76 -5.03 -10.51
CA HIS B 263 -32.04 -3.79 -10.13
C HIS B 263 -30.74 -4.17 -9.43
N ARG B 264 -30.72 -5.25 -8.65
CA ARG B 264 -29.48 -5.74 -7.98
C ARG B 264 -28.51 -6.24 -9.04
N VAL B 265 -28.99 -7.03 -10.01
CA VAL B 265 -28.11 -7.62 -11.05
C VAL B 265 -27.57 -6.47 -11.91
N ASP B 266 -28.41 -5.49 -12.23
CA ASP B 266 -28.00 -4.28 -12.99
C ASP B 266 -26.87 -3.57 -12.25
N HIS B 267 -27.04 -3.35 -10.95
CA HIS B 267 -26.02 -2.71 -10.05
C HIS B 267 -24.68 -3.46 -10.15
N MET B 268 -24.74 -4.77 -9.93
CA MET B 268 -23.57 -5.67 -9.91
C MET B 268 -22.92 -5.74 -11.31
N GLU B 269 -23.73 -5.75 -12.38
CA GLU B 269 -23.21 -5.74 -13.76
C GLU B 269 -22.38 -4.48 -13.98
N ARG B 270 -22.87 -3.33 -13.53
CA ARG B 270 -22.14 -2.06 -13.74
C ARG B 270 -20.82 -2.06 -12.93
N LEU B 271 -20.85 -2.59 -11.71
CA LEU B 271 -19.61 -2.74 -10.90
C LEU B 271 -18.66 -3.69 -11.61
N ARG B 272 -19.18 -4.79 -12.16
CA ARG B 272 -18.35 -5.88 -12.72
C ARG B 272 -17.63 -5.35 -13.96
N ARG B 273 -18.32 -4.51 -14.74
CA ARG B 273 -17.79 -3.84 -15.95
C ARG B 273 -16.69 -2.86 -15.57
N GLN B 274 -16.93 -2.05 -14.55
CA GLN B 274 -15.94 -1.07 -14.10
C GLN B 274 -14.67 -1.81 -13.65
N GLN B 275 -14.81 -2.95 -12.97
CA GLN B 275 -13.68 -3.73 -12.39
C GLN B 275 -12.84 -4.33 -13.53
N ASP B 276 -13.50 -4.84 -14.57
CA ASP B 276 -12.84 -5.34 -15.79
C ASP B 276 -12.09 -4.18 -16.47
N LYS B 277 -12.62 -2.96 -16.38
CA LYS B 277 -11.96 -1.74 -16.93
C LYS B 277 -10.73 -1.34 -16.09
N THR B 278 -10.84 -1.22 -14.76
CA THR B 278 -9.80 -0.51 -13.96
C THR B 278 -9.23 -1.35 -12.81
N GLY B 279 -9.88 -2.44 -12.40
CA GLY B 279 -9.26 -3.49 -11.56
C GLY B 279 -9.06 -3.11 -10.09
N GLY B 280 -9.51 -1.92 -9.66
CA GLY B 280 -9.07 -1.36 -8.36
C GLY B 280 -9.96 -1.71 -7.18
N PHE B 281 -11.06 -2.42 -7.38
CA PHE B 281 -12.00 -2.79 -6.28
C PHE B 281 -11.37 -3.95 -5.50
N GLN B 282 -11.46 -3.95 -4.17
CA GLN B 282 -11.00 -5.10 -3.37
C GLN B 282 -12.19 -5.97 -2.95
N ALA B 283 -13.17 -5.34 -2.32
CA ALA B 283 -14.34 -5.99 -1.69
C ALA B 283 -15.65 -5.44 -2.26
N PHE B 284 -16.59 -6.33 -2.46
CA PHE B 284 -18.02 -6.01 -2.69
C PHE B 284 -18.75 -6.19 -1.36
N ILE B 285 -19.57 -5.21 -0.99
CA ILE B 285 -20.21 -5.12 0.35
C ILE B 285 -21.70 -4.89 0.18
N PRO B 286 -22.52 -5.96 0.12
CA PRO B 286 -23.97 -5.85 0.21
C PRO B 286 -24.35 -5.20 1.53
N LEU B 287 -25.20 -4.17 1.48
CA LEU B 287 -25.66 -3.49 2.72
C LEU B 287 -27.16 -3.75 2.81
N LYS B 288 -27.54 -4.54 3.81
CA LYS B 288 -28.97 -4.82 4.11
C LYS B 288 -29.63 -3.54 4.63
N PHE B 289 -30.66 -3.07 3.91
CA PHE B 289 -31.52 -1.94 4.32
C PHE B 289 -32.08 -2.28 5.70
N ARG B 290 -31.81 -1.40 6.65
CA ARG B 290 -32.37 -1.43 8.01
C ARG B 290 -33.39 -0.29 8.12
N ASN B 291 -34.57 -0.58 8.68
CA ASN B 291 -35.76 0.31 8.61
C ASN B 291 -35.89 1.08 9.93
N GLN B 292 -34.79 1.35 10.61
CA GLN B 292 -34.78 2.18 11.84
C GLN B 292 -34.52 3.65 11.48
N HIS B 293 -35.41 4.58 11.88
CA HIS B 293 -35.14 6.05 11.97
C HIS B 293 -34.81 6.65 10.59
N ASN B 294 -35.65 6.39 9.58
CA ASN B 294 -35.48 6.97 8.23
C ASN B 294 -36.86 7.08 7.56
N GLN B 295 -36.94 7.71 6.39
CA GLN B 295 -38.22 7.91 5.68
C GLN B 295 -38.66 6.59 5.04
N MET B 296 -37.94 5.49 5.24
CA MET B 296 -38.35 4.16 4.73
C MET B 296 -38.60 3.20 5.89
N ASP B 297 -38.88 3.70 7.09
CA ASP B 297 -39.00 2.86 8.29
C ASP B 297 -40.32 2.07 8.25
N HIS B 298 -41.17 2.35 7.25
CA HIS B 298 -42.37 1.56 6.90
C HIS B 298 -42.04 0.41 5.92
N VAL B 299 -40.80 0.29 5.40
CA VAL B 299 -40.45 -0.79 4.44
C VAL B 299 -39.96 -1.98 5.26
N PRO B 300 -40.62 -3.15 5.19
CA PRO B 300 -40.18 -4.31 5.95
C PRO B 300 -38.79 -4.73 5.47
N GLU B 301 -37.96 -5.20 6.40
CA GLU B 301 -36.66 -5.84 6.11
C GLU B 301 -36.90 -7.24 5.52
N VAL B 302 -36.07 -7.67 4.56
CA VAL B 302 -36.17 -9.01 3.95
C VAL B 302 -35.64 -10.04 4.96
N SER B 303 -35.97 -11.30 4.79
CA SER B 303 -35.64 -12.39 5.73
C SER B 303 -34.13 -12.68 5.71
N VAL B 304 -33.64 -13.39 6.71
CA VAL B 304 -32.24 -13.89 6.77
C VAL B 304 -31.99 -14.78 5.54
N ILE B 305 -32.96 -15.62 5.19
CA ILE B 305 -32.84 -16.49 3.99
C ILE B 305 -32.52 -15.58 2.79
N GLU B 306 -33.19 -14.44 2.65
CA GLU B 306 -32.95 -13.54 1.48
C GLU B 306 -31.54 -12.95 1.61
N ASP B 307 -31.09 -12.62 2.82
CA ASP B 307 -29.73 -12.06 3.03
C ASP B 307 -28.69 -13.09 2.56
N LEU B 308 -28.88 -14.36 2.89
CA LEU B 308 -27.91 -15.44 2.55
C LEU B 308 -27.96 -15.71 1.03
N ARG B 309 -29.16 -15.68 0.41
CA ARG B 309 -29.29 -15.92 -1.06
C ARG B 309 -28.56 -14.75 -1.74
N ASN B 310 -28.71 -13.53 -1.17
CA ASN B 310 -28.06 -12.33 -1.72
C ASN B 310 -26.54 -12.46 -1.61
N TYR B 311 -25.96 -12.79 -0.45
CA TYR B 311 -24.50 -13.03 -0.35
C TYR B 311 -24.05 -14.06 -1.37
N ALA B 312 -24.80 -15.14 -1.54
CA ALA B 312 -24.35 -16.25 -2.42
C ALA B 312 -24.34 -15.76 -3.87
N ILE B 313 -25.41 -15.09 -4.30
CA ILE B 313 -25.53 -14.62 -5.71
C ILE B 313 -24.45 -13.56 -5.97
N ALA B 314 -24.12 -12.74 -4.96
CA ALA B 314 -23.05 -11.73 -5.05
C ALA B 314 -21.73 -12.48 -5.27
N ARG B 315 -21.48 -13.53 -4.50
CA ARG B 315 -20.23 -14.30 -4.64
C ARG B 315 -20.15 -14.86 -6.06
N ILE B 316 -21.26 -15.35 -6.60
CA ILE B 316 -21.30 -16.03 -7.92
C ILE B 316 -21.16 -14.97 -9.02
N TYR B 317 -21.83 -13.82 -8.86
CA TYR B 317 -21.90 -12.82 -9.96
C TYR B 317 -20.59 -12.03 -10.01
N MET B 318 -20.02 -11.64 -8.87
CA MET B 318 -18.86 -10.71 -8.82
C MET B 318 -17.56 -11.54 -8.92
N ASP B 319 -17.33 -12.12 -10.10
CA ASP B 319 -16.24 -13.10 -10.32
C ASP B 319 -14.88 -12.38 -10.34
N ASN B 320 -14.86 -11.06 -10.47
CA ASN B 320 -13.59 -10.30 -10.62
C ASN B 320 -13.32 -9.43 -9.38
N PHE B 321 -14.11 -9.60 -8.33
CA PHE B 321 -13.87 -9.01 -6.99
C PHE B 321 -13.33 -10.10 -6.08
N ASP B 322 -12.16 -9.89 -5.49
CA ASP B 322 -11.53 -10.90 -4.61
C ASP B 322 -12.43 -11.24 -3.41
N HIS B 323 -12.98 -10.23 -2.75
CA HIS B 323 -13.57 -10.33 -1.39
C HIS B 323 -15.06 -9.95 -1.40
N ILE B 324 -15.88 -10.74 -0.71
CA ILE B 324 -17.26 -10.37 -0.29
C ILE B 324 -17.22 -10.12 1.23
N LYS B 325 -17.61 -8.92 1.64
CA LYS B 325 -17.51 -8.40 3.03
C LYS B 325 -18.89 -8.28 3.65
N ALA B 326 -18.97 -8.67 4.90
CA ALA B 326 -20.11 -8.48 5.82
C ALA B 326 -19.64 -7.64 7.02
N TYR B 327 -20.52 -6.76 7.50
CA TYR B 327 -20.31 -5.99 8.75
C TYR B 327 -21.08 -6.67 9.86
N TRP B 328 -20.36 -7.20 10.87
CA TRP B 328 -20.97 -7.95 12.00
C TRP B 328 -22.07 -7.12 12.67
N ALA B 329 -21.97 -5.79 12.70
CA ALA B 329 -22.88 -4.90 13.46
C ALA B 329 -24.17 -4.65 12.67
N MET B 330 -24.12 -4.71 11.34
N MET B 330 -24.12 -4.71 11.34
CA MET B 330 -25.25 -4.35 10.43
CA MET B 330 -25.25 -4.36 10.44
C MET B 330 -26.31 -5.47 10.43
C MET B 330 -26.31 -5.47 10.44
N ILE B 331 -25.97 -6.66 10.95
CA ILE B 331 -26.81 -7.89 10.84
C ILE B 331 -26.65 -8.67 12.14
N SER B 332 -27.49 -9.67 12.37
CA SER B 332 -27.37 -10.53 13.57
C SER B 332 -26.02 -11.25 13.53
N ARG B 333 -25.55 -11.71 14.67
CA ARG B 333 -24.30 -12.50 14.76
C ARG B 333 -24.54 -13.83 14.05
N GLN B 334 -25.74 -14.40 14.15
CA GLN B 334 -26.16 -15.62 13.42
C GLN B 334 -25.95 -15.42 11.91
N THR B 335 -26.43 -14.32 11.34
CA THR B 335 -26.36 -14.04 9.88
C THR B 335 -24.89 -13.87 9.47
N ALA B 336 -24.13 -13.06 10.22
CA ALA B 336 -22.67 -12.85 10.05
C ALA B 336 -21.98 -14.21 9.95
N GLN B 337 -22.24 -15.12 10.88
CA GLN B 337 -21.61 -16.46 10.93
C GLN B 337 -22.06 -17.30 9.74
N LEU B 338 -23.36 -17.36 9.42
CA LEU B 338 -23.88 -18.18 8.30
C LEU B 338 -23.34 -17.66 6.95
N SER B 339 -23.09 -16.36 6.83
CA SER B 339 -22.63 -15.69 5.59
C SER B 339 -21.25 -16.23 5.15
N LEU B 340 -20.42 -16.68 6.11
CA LEU B 340 -19.10 -17.29 5.82
C LEU B 340 -19.27 -18.59 5.00
N ASN B 341 -20.47 -19.15 4.98
CA ASN B 341 -20.82 -20.39 4.24
C ASN B 341 -21.60 -20.06 2.97
N PHE B 342 -21.92 -18.79 2.74
CA PHE B 342 -22.69 -18.36 1.55
C PHE B 342 -21.91 -17.31 0.77
N GLY B 343 -20.57 -17.34 0.86
CA GLY B 343 -19.68 -16.58 -0.02
C GLY B 343 -18.86 -15.53 0.69
N VAL B 344 -19.11 -15.21 1.96
CA VAL B 344 -18.34 -14.16 2.68
C VAL B 344 -16.99 -14.70 3.18
N ASP B 345 -15.93 -13.92 2.94
CA ASP B 345 -14.53 -14.23 3.37
C ASP B 345 -13.95 -13.07 4.16
N ASP B 346 -14.62 -11.92 4.21
CA ASP B 346 -14.07 -10.69 4.84
C ASP B 346 -15.13 -10.19 5.84
N ILE B 347 -14.77 -10.04 7.11
CA ILE B 347 -15.75 -9.66 8.16
C ILE B 347 -15.23 -8.42 8.86
N ASP B 348 -16.07 -7.40 9.02
CA ASP B 348 -15.56 -6.05 9.30
C ASP B 348 -16.42 -5.32 10.31
N GLY B 349 -15.85 -4.25 10.85
CA GLY B 349 -16.33 -3.52 12.03
C GLY B 349 -15.13 -2.95 12.75
N THR B 350 -15.35 -2.28 13.87
CA THR B 350 -14.26 -1.70 14.69
C THR B 350 -14.02 -2.66 15.87
N LEU B 351 -12.88 -3.34 15.87
CA LEU B 351 -12.47 -4.17 17.02
C LEU B 351 -12.22 -3.25 18.22
N ASP B 352 -12.81 -3.58 19.37
CA ASP B 352 -12.71 -2.83 20.65
C ASP B 352 -12.21 -3.78 21.75
N ASP B 353 -10.89 -3.78 21.99
CA ASP B 353 -10.20 -4.57 23.05
C ASP B 353 -9.97 -3.72 24.32
N THR B 354 -10.86 -2.77 24.62
CA THR B 354 -10.85 -1.95 25.86
C THR B 354 -11.96 -2.47 26.79
N THR B 355 -11.87 -2.15 28.08
CA THR B 355 -12.90 -2.48 29.11
C THR B 355 -13.51 -1.18 29.61
N LYS B 356 -14.83 -1.10 29.61
CA LYS B 356 -15.60 0.03 30.18
C LYS B 356 -15.28 0.08 31.68
N ILE B 357 -15.02 1.29 32.19
CA ILE B 357 -14.76 1.57 33.62
C ILE B 357 -15.79 2.62 34.06
N TYR B 358 -15.98 2.80 35.37
CA TYR B 358 -16.94 3.75 35.98
C TYR B 358 -18.36 3.44 35.49
N PRO B 368 -22.42 -3.51 22.84
CA PRO B 368 -22.25 -4.22 21.57
C PRO B 368 -20.79 -4.22 21.08
N ALA B 369 -19.82 -4.13 22.01
CA ALA B 369 -18.37 -4.19 21.70
C ALA B 369 -17.99 -5.59 21.21
N MET B 370 -17.20 -5.64 20.13
CA MET B 370 -16.55 -6.86 19.59
C MET B 370 -15.05 -6.77 19.88
N SER B 371 -14.55 -7.54 20.83
CA SER B 371 -13.10 -7.73 21.06
C SER B 371 -12.51 -8.67 19.99
N THR B 372 -11.18 -8.75 19.95
CA THR B 372 -10.43 -9.65 19.05
C THR B 372 -10.85 -11.09 19.37
N ARG B 373 -10.94 -11.36 20.67
CA ARG B 373 -11.26 -12.71 21.21
C ARG B 373 -12.66 -13.10 20.73
N ASP B 374 -13.62 -12.20 20.82
CA ASP B 374 -15.03 -12.48 20.42
C ASP B 374 -15.05 -12.78 18.93
N LEU B 375 -14.35 -12.00 18.12
CA LEU B 375 -14.38 -12.12 16.64
C LEU B 375 -13.75 -13.45 16.25
N VAL B 376 -12.56 -13.75 16.78
CA VAL B 376 -11.80 -15.01 16.54
C VAL B 376 -12.71 -16.18 16.94
N ASP B 377 -13.42 -16.07 18.06
CA ASP B 377 -14.37 -17.12 18.52
C ASP B 377 -15.54 -17.22 17.54
N LEU B 378 -16.07 -16.09 17.10
CA LEU B 378 -17.25 -16.08 16.18
C LEU B 378 -16.89 -16.84 14.88
N ILE B 379 -15.67 -16.63 14.39
CA ILE B 379 -15.18 -17.21 13.10
C ILE B 379 -14.95 -18.71 13.30
N LYS B 380 -14.22 -19.11 14.33
CA LYS B 380 -13.86 -20.54 14.57
C LYS B 380 -15.11 -21.38 14.82
N GLN B 381 -16.11 -20.79 15.44
CA GLN B 381 -17.42 -21.40 15.79
C GLN B 381 -18.11 -21.94 14.55
N VAL B 382 -17.88 -21.38 13.36
CA VAL B 382 -18.44 -21.93 12.08
C VAL B 382 -17.30 -22.53 11.27
N LYS B 383 -16.22 -22.96 11.94
CA LYS B 383 -15.16 -23.83 11.36
C LYS B 383 -14.33 -23.05 10.34
N ARG B 384 -14.19 -21.75 10.51
CA ARG B 384 -13.36 -20.90 9.60
C ARG B 384 -12.06 -20.47 10.30
N LYS B 385 -11.12 -19.99 9.49
CA LYS B 385 -9.75 -19.60 9.92
C LYS B 385 -9.72 -18.08 10.04
N PRO B 386 -9.65 -17.57 11.28
CA PRO B 386 -9.56 -16.13 11.52
C PRO B 386 -8.15 -15.60 11.19
N ILE B 387 -8.07 -14.69 10.20
CA ILE B 387 -6.81 -14.10 9.67
C ILE B 387 -6.89 -12.59 9.87
N GLU B 388 -6.00 -12.03 10.69
CA GLU B 388 -5.79 -10.57 10.71
C GLU B 388 -4.99 -10.25 9.46
N ARG B 389 -5.47 -9.32 8.63
CA ARG B 389 -4.92 -9.07 7.28
C ARG B 389 -4.19 -7.73 7.23
N ASP B 390 -3.35 -7.54 6.21
CA ASP B 390 -2.81 -6.23 5.80
C ASP B 390 -3.81 -5.67 4.80
N THR B 391 -3.56 -4.48 4.28
CA THR B 391 -4.48 -3.74 3.38
C THR B 391 -4.72 -4.52 2.10
N LEU B 392 -3.78 -5.38 1.70
CA LEU B 392 -3.86 -6.16 0.44
C LEU B 392 -4.21 -7.63 0.72
N TYR B 393 -4.69 -7.94 1.94
CA TYR B 393 -5.29 -9.27 2.33
C TYR B 393 -4.20 -10.34 2.40
N ASN B 394 -2.93 -9.97 2.65
CA ASN B 394 -1.88 -10.90 3.13
C ASN B 394 -2.18 -11.25 4.60
N VAL B 395 -1.73 -12.42 5.03
CA VAL B 395 -1.80 -12.86 6.44
C VAL B 395 -0.82 -12.03 7.28
N VAL B 396 -1.33 -11.30 8.26
CA VAL B 396 -0.49 -10.66 9.32
C VAL B 396 -0.42 -11.60 10.52
N THR B 397 -1.57 -12.01 11.05
CA THR B 397 -1.67 -13.01 12.15
C THR B 397 -2.74 -14.02 11.79
N ASP B 398 -2.34 -15.28 11.70
CA ASP B 398 -3.24 -16.46 11.61
C ASP B 398 -3.68 -16.80 13.03
N TYR B 399 -4.91 -16.45 13.41
CA TYR B 399 -5.40 -16.61 14.79
C TYR B 399 -5.90 -18.04 15.03
N SER B 400 -5.75 -18.96 14.09
CA SER B 400 -6.14 -20.37 14.30
C SER B 400 -5.10 -20.98 15.26
N GLN B 401 -5.61 -21.47 16.40
CA GLN B 401 -4.87 -22.06 17.57
C GLN B 401 -3.90 -21.06 18.21
N VAL B 402 -4.37 -19.84 18.48
CA VAL B 402 -3.69 -18.82 19.33
C VAL B 402 -4.49 -18.71 20.64
FE1 SF4 C . 24.99 -3.26 -12.70
FE2 SF4 C . 26.56 -4.81 -14.76
FE3 SF4 C . 27.50 -4.70 -12.01
FE4 SF4 C . 27.75 -2.44 -13.72
S1 SF4 C . 28.47 -4.44 -13.92
S2 SF4 C . 26.88 -2.67 -11.75
S3 SF4 C . 25.87 -2.80 -14.70
S4 SF4 C . 25.67 -5.37 -12.87
N MET D . 22.85 -3.71 -13.50
CA MET D . 21.97 -2.70 -12.89
C MET D . 22.76 -1.42 -12.62
O MET D . 24.02 -1.37 -12.59
CB MET D . 21.38 -3.23 -11.57
CG MET D . 22.22 -2.94 -10.32
SD MET D . 23.86 -3.78 -10.29
CE MET D . 23.37 -5.49 -10.02
OXT MET D . 22.07 -0.41 -12.41
O4 V47 E . 24.10 0.26 -8.55
C4 V47 E . 27.62 -2.80 -6.59
C5 V47 E . 25.78 -1.22 -5.75
C6 V47 E . 23.67 -1.21 -6.63
C3 V47 E . 29.09 -2.55 -4.98
O3 V47 E . 15.85 1.02 -4.36
C2 V47 E . 27.95 -1.79 -4.70
O2 V47 E . 15.20 -0.04 -2.60
C1 V47 E . 28.96 -1.04 -2.73
O1 V47 E . 20.70 -0.03 -5.73
N1 V47 E . 30.08 -1.75 -2.97
C7 V47 E . 22.41 -2.04 -6.92
N2 V47 E . 27.91 -1.03 -3.57
C8 V47 E . 21.58 -2.25 -5.63
C9 V47 E . 20.61 -1.13 -5.27
C10 V47 E . 19.55 -1.25 -4.23
C11 V47 E . 19.77 -2.04 -3.10
C12 V47 E . 18.80 -2.17 -2.11
C13 V47 E . 17.61 -1.46 -2.22
C14 V47 E . 17.37 -0.66 -3.34
C15 V47 E . 16.07 0.11 -3.44
C16 V47 E . 18.35 -0.55 -4.33
O V47 E . 24.58 -1.95 -5.80
C17 V47 E . 24.57 -0.83 -7.80
C18 V47 E . 25.84 -0.42 -7.07
O5 V47 E . 25.90 1.03 -6.89
N4 V47 E . 27.06 -1.96 -5.68
N3 V47 E . 28.86 -3.19 -6.17
C V47 E . 30.16 -2.49 -4.08
N V47 E . 31.28 -3.18 -4.30
CL CL F . 18.83 -2.03 -8.01
FE1 SF4 G . -27.06 9.97 4.40
FE2 SF4 G . -24.68 9.79 2.71
FE3 SF4 G . -26.19 12.36 3.28
FE4 SF4 G . -27.42 10.30 1.65
S1 SF4 G . -25.64 11.41 1.47
S2 SF4 G . -28.13 11.47 3.28
S3 SF4 G . -26.53 8.72 2.72
S4 SF4 G . -25.21 10.94 4.60
N MET H . -22.69 10.54 2.67
CA MET H . -21.72 9.66 2.00
C MET H . -22.45 8.80 0.98
O MET H . -21.74 8.14 0.15
CB MET H . -21.04 8.75 3.02
CG MET H . -21.86 7.51 3.38
SD MET H . -23.49 7.89 4.06
CE MET H . -23.05 8.16 5.78
OXT MET H . -23.71 8.79 0.97
O4 V47 I . -24.03 4.58 1.19
C4 V47 I . -27.20 4.24 5.29
C5 V47 I . -25.50 2.74 4.05
C6 V47 I . -23.48 3.52 3.39
C3 V47 I . -28.60 2.70 5.93
O3 V47 I . -14.91 -0.49 4.14
C2 V47 I . -27.54 2.11 5.28
O2 V47 I . -15.66 0.27 2.15
C1 V47 I . -28.48 -0.02 5.57
O1 V47 I . -20.51 2.19 2.71
N1 V47 I . -29.54 0.50 6.22
C7 V47 I . -22.23 4.21 3.87
N2 V47 I . -27.48 0.77 5.10
C8 V47 I . -21.31 3.30 4.66
C9 V47 I . -20.24 2.61 3.82
C10 V47 I . -18.85 2.36 4.34
C11 V47 I . -18.39 2.98 5.56
C12 V47 I . -17.09 2.72 6.03
C13 V47 I . -16.26 1.84 5.31
C14 V47 I . -16.70 1.20 4.12
C15 V47 I . -15.74 0.28 3.39
C16 V47 I . -18.01 1.46 3.62
O V47 I . -24.29 3.25 4.52
C17 V47 I . -24.43 4.35 2.55
C18 V47 I . -25.66 3.47 2.71
O5 V47 I . -25.78 2.60 1.57
N4 V47 I . -26.71 3.04 4.88
N3 V47 I . -28.37 4.04 5.95
C V47 I . -29.63 1.86 6.42
N V47 I . -30.72 2.35 7.10
#